data_5E93
#
_entry.id   5E93
#
_cell.length_a   68.325
_cell.length_b   71.789
_cell.length_c   124.343
_cell.angle_alpha   90.000
_cell.angle_beta   90.000
_cell.angle_gamma   90.000
#
_symmetry.space_group_name_H-M   'P 21 21 21'
#
loop_
_entity.id
_entity.type
_entity.pdbx_description
1 polymer 'Dihydroorotate dehydrogenase (fumarate)'
2 non-polymer 5-[(E)-3-(furan-2-yl)prop-2-enylidene]-1,3-diazinane-2,4,6-trione
3 non-polymer GLYCEROL
4 non-polymer 'FLAVIN MONONUCLEOTIDE'
5 non-polymer 'COBALT HEXAMMINE(III)'
6 non-polymer 1,2-ETHANEDIOL
7 non-polymer 'CACODYLATE ION'
8 non-polymer DI(HYDROXYETHYL)ETHER
9 water water
#
_entity_poly.entity_id   1
_entity_poly.type   'polypeptide(L)'
_entity_poly.pdbx_seq_one_letter_code
;SMCLKLNLLDHVFANPFMNAAGVLCSTEEDLRCMTASSSGALVSKSCTSAPRDGNPEPRYMAFPLGSINSMGLPNLGFDF
YLKYASDLHDYSKKPLFLSISGLSVEENVAMVRRLAPVAQEKGVLLELNLSCPNVPGKPQVAYDFEAMRTYLQQVSLAYG
LPFGVKMPPYFDIAHFDTAAAVLNEFPLVKFVTCVNSVGNGLVIDAESESVVIKPKQGFGGLGGKYILPTALANVNAFYR
RCPDKLVFGCGGVYSGEDAFLHILAGASMVQVGTALQEEGPGIFTRLEDELLEIMARKGYRTLEEFRGRVKTIE
;
_entity_poly.pdbx_strand_id   A,B
#
loop_
_chem_comp.id
_chem_comp.type
_chem_comp.name
_chem_comp.formula
5LL non-polymer 5-[(E)-3-(furan-2-yl)prop-2-enylidene]-1,3-diazinane-2,4,6-trione 'C11 H8 N2 O4'
CAC non-polymer 'CACODYLATE ION' 'C2 H6 As O2 -1'
EDO non-polymer 1,2-ETHANEDIOL 'C2 H6 O2'
FMN non-polymer 'FLAVIN MONONUCLEOTIDE' 'C17 H21 N4 O9 P'
GOL non-polymer GLYCEROL 'C3 H8 O3'
NCO non-polymer 'COBALT HEXAMMINE(III)' 'Co H18 N6 3'
PEG non-polymer DI(HYDROXYETHYL)ETHER 'C4 H10 O3'
#
# COMPACT_ATOMS: atom_id res chain seq x y z
N MET A 2 0.99 6.72 36.67
CA MET A 2 1.96 5.93 35.84
C MET A 2 2.71 6.92 34.95
N CYS A 3 3.94 6.56 34.63
CA CYS A 3 4.70 7.33 33.61
C CYS A 3 5.37 6.31 32.79
N LEU A 4 6.18 6.78 31.85
CA LEU A 4 6.93 5.90 30.97
C LEU A 4 8.40 6.23 30.93
N LYS A 5 9.27 5.25 30.55
CA LYS A 5 10.61 5.54 30.52
C LYS A 5 11.28 4.65 29.56
N LEU A 6 11.77 5.32 28.52
CA LEU A 6 12.54 4.67 27.56
C LEU A 6 13.85 5.37 27.78
N ASN A 7 14.72 4.37 27.52
N ASN A 7 14.68 4.42 27.60
CA ASN A 7 16.20 4.50 27.40
CA ASN A 7 15.97 4.79 27.34
C ASN A 7 16.70 3.75 26.15
C ASN A 7 16.07 3.98 26.13
N LEU A 8 16.67 4.54 25.06
CA LEU A 8 16.95 3.93 23.77
C LEU A 8 18.13 4.74 23.21
N LEU A 9 19.08 4.15 22.48
CA LEU A 9 20.04 4.83 21.76
C LEU A 9 20.91 5.79 22.62
N ASP A 10 21.05 5.36 23.87
CA ASP A 10 21.74 6.12 24.95
CA ASP A 10 21.84 6.17 24.85
C ASP A 10 21.16 7.52 25.18
N HIS A 11 19.84 7.60 25.01
CA HIS A 11 19.09 8.74 25.40
C HIS A 11 17.90 8.40 26.20
N VAL A 12 17.41 9.33 26.97
CA VAL A 12 16.22 9.15 27.77
C VAL A 12 15.06 9.90 27.10
N PHE A 13 13.92 9.22 27.04
CA PHE A 13 12.68 9.74 26.47
C PHE A 13 11.52 9.68 27.50
N ALA A 14 10.78 10.78 27.59
CA ALA A 14 9.59 10.91 28.50
C ALA A 14 8.44 9.98 28.14
N ASN A 15 8.36 9.71 26.85
CA ASN A 15 7.25 8.94 26.28
C ASN A 15 7.72 8.56 24.91
N PRO A 16 7.01 7.62 24.22
CA PRO A 16 7.45 7.12 22.92
C PRO A 16 7.06 7.97 21.72
N PHE A 17 6.36 9.06 21.93
CA PHE A 17 5.80 9.80 20.83
C PHE A 17 6.72 10.82 20.28
N MET A 18 6.66 10.97 18.96
CA MET A 18 7.37 12.03 18.28
C MET A 18 6.63 12.40 17.02
N ASN A 19 6.97 13.52 16.37
CA ASN A 19 6.42 13.78 15.02
C ASN A 19 7.03 12.78 14.08
N ALA A 20 6.35 12.61 12.91
CA ALA A 20 6.93 12.02 11.74
C ALA A 20 7.69 13.03 10.99
N ALA A 21 8.84 12.67 10.38
CA ALA A 21 9.61 13.62 9.60
C ALA A 21 8.76 14.26 8.54
N GLY A 22 8.94 15.54 8.33
CA GLY A 22 8.17 16.33 7.39
C GLY A 22 7.01 17.09 7.97
N VAL A 23 6.47 16.63 9.11
CA VAL A 23 5.29 17.25 9.72
C VAL A 23 5.73 18.11 10.93
N LEU A 24 5.40 19.36 10.92
CA LEU A 24 5.68 20.32 12.00
C LEU A 24 7.13 20.34 12.32
N CYS A 25 8.00 20.49 11.34
CA CYS A 25 9.45 20.44 11.60
C CYS A 25 10.36 21.02 10.53
N SER A 26 9.80 21.93 9.77
CA SER A 26 10.56 22.55 8.65
C SER A 26 11.32 23.77 9.10
N THR A 27 10.65 24.66 9.81
CA THR A 27 11.21 25.93 10.16
C THR A 27 11.67 25.92 11.59
N GLU A 28 12.47 26.95 12.00
CA GLU A 28 12.83 27.09 13.40
C GLU A 28 11.56 27.18 14.31
N GLU A 29 10.58 27.95 13.84
CA GLU A 29 9.33 28.05 14.57
C GLU A 29 8.72 26.70 14.76
N ASP A 30 8.64 25.86 13.73
CA ASP A 30 8.09 24.53 13.84
C ASP A 30 8.82 23.67 14.88
N LEU A 31 10.16 23.69 14.78
CA LEU A 31 11.00 22.93 15.70
C LEU A 31 10.90 23.36 17.11
N ARG A 32 10.77 24.63 17.36
CA ARG A 32 10.53 25.18 18.70
CA ARG A 32 10.53 25.18 18.69
C ARG A 32 9.14 24.76 19.20
N CYS A 33 8.13 24.67 18.29
CA CYS A 33 6.78 24.24 18.68
C CYS A 33 6.82 22.79 19.08
N MET A 34 7.45 21.95 18.26
CA MET A 34 7.58 20.51 18.59
C MET A 34 8.36 20.36 19.88
N THR A 35 9.38 21.19 20.12
CA THR A 35 10.13 21.09 21.39
C THR A 35 9.26 21.47 22.60
N ALA A 36 8.41 22.44 22.46
CA ALA A 36 7.54 22.91 23.51
C ALA A 36 6.38 21.94 23.76
N SER A 37 6.06 21.07 22.81
CA SER A 37 4.97 20.12 22.97
C SER A 37 5.35 19.03 23.98
N SER A 38 4.36 18.18 24.28
CA SER A 38 4.60 17.06 25.21
CA SER A 38 4.55 17.05 25.19
C SER A 38 5.15 15.83 24.53
N SER A 39 5.54 15.90 23.24
CA SER A 39 6.19 14.71 22.64
C SER A 39 7.45 14.31 23.37
N GLY A 40 7.81 13.07 23.28
CA GLY A 40 9.03 12.54 23.82
C GLY A 40 10.25 12.87 23.04
N ALA A 41 10.11 13.14 21.73
CA ALA A 41 11.27 13.54 20.91
C ALA A 41 10.72 14.30 19.70
N LEU A 42 11.61 14.77 18.83
CA LEU A 42 11.26 15.38 17.56
C LEU A 42 12.28 15.00 16.52
N VAL A 43 11.84 15.07 15.28
CA VAL A 43 12.72 14.85 14.12
C VAL A 43 12.55 16.02 13.16
N SER A 44 13.65 16.48 12.58
CA SER A 44 13.59 17.54 11.58
C SER A 44 13.11 17.07 10.21
N LYS A 45 12.68 18.01 9.38
CA LYS A 45 12.30 17.76 7.99
C LYS A 45 13.46 17.19 7.17
N SER A 46 13.20 16.21 6.34
CA SER A 46 14.30 15.67 5.48
C SER A 46 14.91 16.79 4.66
N CYS A 47 16.24 16.84 4.64
CA CYS A 47 16.96 17.93 3.94
C CYS A 47 17.86 17.41 2.88
N THR A 48 18.12 18.32 1.90
CA THR A 48 19.17 18.16 0.91
C THR A 48 20.27 19.06 1.30
N SER A 49 21.43 18.90 0.58
N SER A 49 21.41 18.90 0.58
CA SER A 49 22.56 19.79 0.87
CA SER A 49 22.56 19.71 0.91
C SER A 49 22.27 21.21 0.70
C SER A 49 22.30 21.18 0.68
N ALA A 50 21.65 21.56 -0.42
CA ALA A 50 21.26 22.92 -0.67
C ALA A 50 19.77 23.15 -0.34
N PRO A 51 19.34 24.36 -0.05
CA PRO A 51 17.92 24.69 0.09
C PRO A 51 17.19 24.39 -1.20
N ARG A 52 15.92 24.10 -1.05
CA ARG A 52 15.03 23.89 -2.15
C ARG A 52 13.60 24.35 -1.78
N ASP A 53 12.85 24.69 -2.79
CA ASP A 53 11.41 25.08 -2.70
C ASP A 53 10.37 23.96 -2.69
N GLY A 54 10.67 22.81 -3.24
CA GLY A 54 9.67 21.77 -3.30
C GLY A 54 8.84 21.86 -4.59
N ASN A 55 7.79 21.05 -4.60
CA ASN A 55 6.91 20.98 -5.79
C ASN A 55 5.86 22.08 -5.82
N PRO A 56 5.15 22.26 -6.99
CA PRO A 56 4.07 23.30 -7.00
C PRO A 56 2.80 23.00 -6.11
N GLU A 57 2.13 24.03 -5.53
CA GLU A 57 0.93 23.91 -4.67
C GLU A 57 -0.28 23.80 -5.52
N PRO A 58 -1.25 23.10 -5.02
CA PRO A 58 -1.41 22.26 -3.84
C PRO A 58 -0.55 20.97 -3.85
N ARG A 59 0.10 20.68 -2.73
CA ARG A 59 0.91 19.51 -2.61
C ARG A 59 0.59 18.61 -1.43
N TYR A 60 -0.39 18.97 -0.63
CA TYR A 60 -0.84 18.17 0.51
C TYR A 60 -2.31 18.35 0.61
N MET A 61 -3.07 17.26 0.77
CA MET A 61 -4.51 17.34 1.06
CA MET A 61 -4.51 17.35 1.06
CA MET A 61 -4.51 17.33 1.09
C MET A 61 -4.91 16.26 2.01
N ALA A 62 -5.79 16.59 2.97
CA ALA A 62 -6.31 15.64 3.91
C ALA A 62 -7.76 15.41 3.83
N PHE A 63 -8.16 14.24 4.24
CA PHE A 63 -9.52 13.69 4.15
C PHE A 63 -9.81 12.84 5.33
N PRO A 64 -11.07 12.40 5.50
CA PRO A 64 -11.41 11.63 6.69
C PRO A 64 -10.56 10.41 6.89
N LEU A 65 -10.14 9.74 5.83
CA LEU A 65 -9.34 8.50 5.99
C LEU A 65 -7.85 8.75 5.87
N GLY A 66 -7.38 9.97 5.66
CA GLY A 66 -5.93 10.23 5.69
C GLY A 66 -5.50 11.27 4.75
N SER A 67 -4.30 11.21 4.25
CA SER A 67 -3.74 12.31 3.49
C SER A 67 -3.02 11.79 2.27
N ILE A 68 -2.84 12.69 1.30
CA ILE A 68 -2.01 12.48 0.14
C ILE A 68 -1.08 13.66 0.01
N ASN A 69 0.16 13.40 -0.37
CA ASN A 69 1.12 14.51 -0.50
C ASN A 69 2.17 14.23 -1.57
N SER A 70 2.58 15.31 -2.24
CA SER A 70 3.73 15.30 -3.14
CA SER A 70 3.78 15.27 -3.10
C SER A 70 4.63 16.46 -2.81
N MET A 71 5.06 16.54 -1.55
CA MET A 71 5.83 17.72 -1.15
C MET A 71 7.10 17.94 -1.98
N GLY A 72 7.81 16.86 -2.20
CA GLY A 72 8.99 16.93 -3.05
C GLY A 72 10.13 17.62 -2.35
N LEU A 73 10.95 18.42 -2.97
CA LEU A 73 12.10 18.87 -2.18
C LEU A 73 12.00 19.72 -0.74
N PRO A 74 10.80 20.19 -0.15
CA PRO A 74 11.11 21.47 0.40
C PRO A 74 11.76 21.58 1.74
N ASN A 75 12.89 22.26 1.81
CA ASN A 75 13.54 22.35 3.08
C ASN A 75 14.48 23.52 3.01
N LEU A 76 14.83 23.97 4.18
CA LEU A 76 15.69 25.06 4.32
C LEU A 76 17.18 24.67 4.00
N GLY A 77 17.46 23.41 3.70
CA GLY A 77 18.82 22.98 3.40
C GLY A 77 19.49 22.49 4.64
N PHE A 78 20.47 21.63 4.37
CA PHE A 78 21.20 21.05 5.49
C PHE A 78 21.89 22.01 6.43
N ASP A 79 22.45 23.08 5.91
CA ASP A 79 23.13 24.02 6.79
C ASP A 79 22.22 24.52 7.91
N PHE A 80 20.97 24.76 7.56
CA PHE A 80 20.02 25.23 8.57
CA PHE A 80 19.98 25.21 8.51
C PHE A 80 19.69 24.18 9.65
N TYR A 81 19.46 22.95 9.18
CA TYR A 81 19.14 21.89 10.19
C TYR A 81 20.32 21.52 11.08
N LEU A 82 21.51 21.54 10.45
CA LEU A 82 22.71 21.34 11.24
C LEU A 82 22.93 22.41 12.31
N LYS A 83 22.72 23.66 11.89
CA LYS A 83 22.78 24.77 12.87
C LYS A 83 21.76 24.65 14.00
N TYR A 84 20.53 24.24 13.61
CA TYR A 84 19.54 23.99 14.60
C TYR A 84 20.04 22.96 15.63
N ALA A 85 20.54 21.84 15.13
CA ALA A 85 21.09 20.79 16.00
C ALA A 85 22.29 21.27 16.87
N SER A 86 23.16 22.05 16.23
CA SER A 86 24.41 22.39 16.94
CA SER A 86 24.43 22.43 16.91
C SER A 86 24.21 23.54 17.89
N ASP A 87 23.38 24.54 17.54
CA ASP A 87 23.35 25.80 18.30
C ASP A 87 22.03 26.13 18.95
N LEU A 88 20.88 25.64 18.44
CA LEU A 88 19.58 26.09 18.83
C LEU A 88 18.75 25.13 19.66
N HIS A 89 18.82 23.84 19.37
CA HIS A 89 18.00 22.90 20.09
C HIS A 89 18.35 22.82 21.54
N ASP A 90 17.33 22.73 22.36
CA ASP A 90 17.47 22.54 23.79
C ASP A 90 17.36 21.06 24.13
N TYR A 91 18.50 20.40 24.20
CA TYR A 91 18.56 19.01 24.50
C TYR A 91 18.08 18.61 25.90
N SER A 92 18.00 19.61 26.79
CA SER A 92 17.45 19.29 28.11
C SER A 92 15.95 19.03 28.03
N LYS A 93 15.30 19.45 26.93
CA LYS A 93 13.91 19.25 26.82
C LYS A 93 13.55 17.86 26.27
N LYS A 94 14.24 17.45 25.21
CA LYS A 94 14.01 16.12 24.59
C LYS A 94 15.06 15.88 23.52
N PRO A 95 15.23 14.62 23.13
CA PRO A 95 16.15 14.28 22.05
C PRO A 95 15.69 14.78 20.69
N LEU A 96 16.66 15.03 19.84
CA LEU A 96 16.46 15.42 18.47
C LEU A 96 17.03 14.44 17.53
N PHE A 97 16.25 14.10 16.48
CA PHE A 97 16.68 13.34 15.30
C PHE A 97 16.74 14.32 14.13
N LEU A 98 17.72 14.16 13.27
CA LEU A 98 17.84 14.94 12.04
C LEU A 98 17.72 14.03 10.88
N SER A 99 16.78 14.32 9.98
CA SER A 99 16.51 13.49 8.79
C SER A 99 17.23 14.04 7.59
N ILE A 100 17.96 13.20 6.87
CA ILE A 100 18.57 13.63 5.59
C ILE A 100 18.08 12.83 4.44
N SER A 101 17.96 13.44 3.29
CA SER A 101 17.51 12.78 2.10
C SER A 101 18.21 13.39 0.90
N GLY A 102 19.51 13.14 0.79
CA GLY A 102 20.18 13.54 -0.42
C GLY A 102 19.67 12.78 -1.66
N LEU A 103 19.96 13.36 -2.81
CA LEU A 103 19.52 12.84 -4.11
C LEU A 103 20.49 11.81 -4.72
N SER A 104 21.60 11.52 -4.04
CA SER A 104 22.60 10.59 -4.50
C SER A 104 23.35 10.16 -3.29
N VAL A 105 24.01 9.06 -3.41
CA VAL A 105 24.87 8.62 -2.34
C VAL A 105 25.91 9.63 -1.96
N GLU A 106 26.50 10.30 -2.93
CA GLU A 106 27.57 11.28 -2.69
C GLU A 106 27.03 12.44 -1.87
N GLU A 107 25.80 12.86 -2.10
CA GLU A 107 25.21 13.99 -1.36
C GLU A 107 25.00 13.58 0.09
N ASN A 108 24.47 12.36 0.30
CA ASN A 108 24.29 11.88 1.65
C ASN A 108 25.62 11.80 2.41
N VAL A 109 26.64 11.25 1.76
CA VAL A 109 27.94 11.17 2.34
C VAL A 109 28.50 12.54 2.74
N ALA A 110 28.31 13.54 1.90
CA ALA A 110 28.77 14.85 2.19
C ALA A 110 28.14 15.36 3.46
N MET A 111 26.81 15.20 3.57
CA MET A 111 26.11 15.67 4.74
C MET A 111 26.53 14.95 6.04
N VAL A 112 26.64 13.61 5.96
CA VAL A 112 26.95 12.89 7.19
C VAL A 112 28.36 13.18 7.70
N ARG A 113 29.27 13.49 6.81
CA ARG A 113 30.61 13.87 7.27
C ARG A 113 30.56 15.14 8.12
N ARG A 114 29.65 16.03 7.80
CA ARG A 114 29.51 17.26 8.58
C ARG A 114 28.61 17.10 9.81
N LEU A 115 27.69 16.15 9.75
CA LEU A 115 26.84 15.86 10.89
C LEU A 115 27.60 15.17 12.05
N ALA A 116 28.52 14.31 11.67
CA ALA A 116 29.26 13.54 12.68
C ALA A 116 29.81 14.33 13.89
N PRO A 117 30.54 15.43 13.65
CA PRO A 117 31.00 16.14 14.83
C PRO A 117 29.90 16.64 15.72
N VAL A 118 28.76 17.06 15.16
CA VAL A 118 27.62 17.56 15.92
C VAL A 118 26.90 16.41 16.68
N ALA A 119 26.86 15.27 16.05
CA ALA A 119 26.38 14.05 16.72
C ALA A 119 27.26 13.72 17.93
N GLN A 120 28.57 13.78 17.67
CA GLN A 120 29.54 13.52 18.80
C GLN A 120 29.38 14.51 19.91
N GLU A 121 29.24 15.79 19.61
CA GLU A 121 29.21 16.81 20.64
C GLU A 121 27.85 16.92 21.34
N LYS A 122 26.78 16.84 20.55
CA LYS A 122 25.46 17.13 21.10
C LYS A 122 24.53 15.90 21.25
N GLY A 123 24.77 14.86 20.50
CA GLY A 123 23.96 13.67 20.58
C GLY A 123 22.74 13.66 19.66
N VAL A 124 22.68 14.56 18.72
CA VAL A 124 21.68 14.49 17.66
C VAL A 124 21.76 13.16 16.99
N LEU A 125 20.60 12.58 16.61
CA LEU A 125 20.52 11.26 16.02
C LEU A 125 20.14 11.29 14.54
N LEU A 126 20.87 10.66 13.66
CA LEU A 126 20.61 10.63 12.23
C LEU A 126 19.52 9.64 11.88
N GLU A 127 18.51 10.11 11.09
CA GLU A 127 17.53 9.27 10.38
C GLU A 127 17.79 9.48 8.91
N LEU A 128 18.31 8.45 8.23
CA LEU A 128 18.60 8.47 6.84
C LEU A 128 17.36 8.07 6.05
N ASN A 129 16.84 8.96 5.24
CA ASN A 129 15.61 8.69 4.51
C ASN A 129 15.91 7.98 3.17
N LEU A 130 15.52 6.71 3.07
CA LEU A 130 15.69 5.92 1.87
C LEU A 130 14.36 5.66 1.15
N SER A 131 13.39 6.50 1.42
CA SER A 131 12.05 6.22 0.96
C SER A 131 11.12 7.28 0.45
N CYS A 132 11.66 8.40 0.15
CA CYS A 132 10.80 9.47 -0.41
C CYS A 132 10.16 9.02 -1.73
N PRO A 133 8.85 9.11 -1.87
CA PRO A 133 8.17 8.66 -3.10
C PRO A 133 7.79 9.80 -4.07
N ASN A 134 8.29 11.00 -3.79
CA ASN A 134 7.87 12.20 -4.51
C ASN A 134 8.84 13.05 -5.30
N VAL A 135 10.01 12.51 -5.49
CA VAL A 135 11.03 13.18 -6.36
C VAL A 135 11.02 12.53 -7.78
N PRO A 136 10.59 13.29 -8.86
CA PRO A 136 10.56 12.66 -10.19
C PRO A 136 11.91 12.25 -10.61
N GLY A 137 12.00 11.06 -11.14
CA GLY A 137 13.27 10.54 -11.60
C GLY A 137 14.10 9.85 -10.57
N LYS A 138 13.68 9.99 -9.29
CA LYS A 138 14.52 9.55 -8.14
C LYS A 138 13.61 8.64 -7.25
N PRO A 139 13.29 7.43 -7.75
CA PRO A 139 12.42 6.55 -6.93
C PRO A 139 13.04 6.11 -5.64
N GLN A 140 12.20 5.55 -4.80
CA GLN A 140 12.55 5.12 -3.47
C GLN A 140 13.79 4.24 -3.49
N VAL A 141 14.85 4.68 -2.84
CA VAL A 141 16.10 4.00 -2.86
C VAL A 141 15.95 2.61 -2.29
N ALA A 142 15.23 2.44 -1.19
CA ALA A 142 15.07 1.10 -0.56
C ALA A 142 14.19 0.14 -1.31
N TYR A 143 13.65 0.54 -2.46
CA TYR A 143 13.07 -0.44 -3.39
C TYR A 143 14.10 -1.04 -4.38
N ASP A 144 15.34 -0.60 -4.30
CA ASP A 144 16.44 -1.08 -5.16
C ASP A 144 17.47 -1.58 -4.15
N PHE A 145 17.47 -2.85 -3.88
CA PHE A 145 18.29 -3.40 -2.81
C PHE A 145 19.80 -3.23 -2.97
N GLU A 146 20.27 -3.23 -4.20
CA GLU A 146 21.69 -2.95 -4.42
C GLU A 146 22.03 -1.49 -4.18
N ALA A 147 21.17 -0.58 -4.59
CA ALA A 147 21.33 0.82 -4.26
C ALA A 147 21.27 1.04 -2.77
N MET A 148 20.35 0.38 -2.08
CA MET A 148 20.25 0.51 -0.62
CA MET A 148 20.26 0.50 -0.63
C MET A 148 21.56 0.11 0.09
N ARG A 149 22.07 -1.03 -0.32
CA ARG A 149 23.32 -1.53 0.17
C ARG A 149 24.46 -0.53 -0.05
N THR A 150 24.55 0.04 -1.27
CA THR A 150 25.63 1.03 -1.52
C THR A 150 25.45 2.22 -0.57
N TYR A 151 24.22 2.77 -0.44
CA TYR A 151 24.04 3.92 0.40
C TYR A 151 24.45 3.60 1.81
N LEU A 152 24.08 2.44 2.35
CA LEU A 152 24.34 2.13 3.75
C LEU A 152 25.84 1.87 3.97
N GLN A 153 26.48 1.24 2.98
CA GLN A 153 27.93 1.03 3.10
CA GLN A 153 27.92 1.04 3.13
C GLN A 153 28.65 2.40 3.19
N GLN A 154 28.32 3.26 2.25
CA GLN A 154 29.02 4.56 2.14
CA GLN A 154 29.07 4.54 2.16
C GLN A 154 28.73 5.48 3.31
N VAL A 155 27.44 5.53 3.74
CA VAL A 155 27.12 6.32 4.89
C VAL A 155 27.73 5.78 6.13
N SER A 156 27.72 4.46 6.32
CA SER A 156 28.31 3.89 7.56
C SER A 156 29.84 4.20 7.61
N LEU A 157 30.49 4.11 6.48
CA LEU A 157 31.96 4.40 6.47
C LEU A 157 32.23 5.89 6.71
N ALA A 158 31.42 6.80 6.15
CA ALA A 158 31.65 8.28 6.30
C ALA A 158 31.23 8.76 7.64
N TYR A 159 30.16 8.19 8.23
CA TYR A 159 29.61 8.68 9.39
C TYR A 159 30.25 8.08 10.63
N GLY A 160 30.27 6.72 10.69
CA GLY A 160 31.00 6.08 11.79
C GLY A 160 30.29 5.99 13.07
N LEU A 161 29.02 6.40 13.14
CA LEU A 161 28.29 6.52 14.40
C LEU A 161 26.90 5.83 14.18
N PRO A 162 26.23 5.48 15.26
CA PRO A 162 24.90 4.85 15.13
C PRO A 162 23.94 5.77 14.37
N PHE A 163 23.06 5.15 13.56
CA PHE A 163 22.08 5.93 12.83
C PHE A 163 20.87 5.05 12.62
N GLY A 164 19.82 5.59 11.99
CA GLY A 164 18.66 4.84 11.62
C GLY A 164 18.24 5.13 10.22
N VAL A 165 17.28 4.37 9.74
CA VAL A 165 16.83 4.44 8.35
CA VAL A 165 16.83 4.47 8.37
C VAL A 165 15.30 4.53 8.30
N LYS A 166 14.82 5.46 7.49
CA LYS A 166 13.37 5.60 7.20
C LYS A 166 13.03 4.77 6.00
N MET A 167 12.28 3.69 6.21
CA MET A 167 12.00 2.70 5.24
C MET A 167 10.66 2.92 4.53
N PRO A 168 10.55 2.56 3.24
CA PRO A 168 9.28 2.50 2.58
C PRO A 168 8.55 1.31 3.02
N PRO A 169 7.22 1.21 2.85
CA PRO A 169 6.48 -0.04 3.07
C PRO A 169 6.77 -1.06 2.00
N TYR A 170 6.84 -2.30 2.44
CA TYR A 170 6.87 -3.45 1.54
C TYR A 170 5.60 -4.26 1.67
N PHE A 171 5.37 -5.12 0.69
CA PHE A 171 4.09 -5.81 0.52
C PHE A 171 4.23 -7.28 0.18
N ASP A 172 5.48 -7.77 0.30
CA ASP A 172 5.86 -9.09 -0.25
C ASP A 172 6.82 -9.68 0.73
N ILE A 173 6.61 -10.93 1.13
CA ILE A 173 7.44 -11.58 2.12
C ILE A 173 8.88 -11.72 1.72
N ALA A 174 9.12 -11.97 0.48
CA ALA A 174 10.48 -12.08 -0.01
C ALA A 174 11.17 -10.76 0.12
N HIS A 175 10.45 -9.65 -0.10
CA HIS A 175 11.02 -8.33 0.05
C HIS A 175 11.31 -8.00 1.50
N PHE A 176 10.47 -8.37 2.44
CA PHE A 176 10.80 -8.22 3.85
C PHE A 176 12.13 -8.94 4.15
N ASP A 177 12.17 -10.20 3.69
CA ASP A 177 13.38 -11.01 3.97
C ASP A 177 14.64 -10.32 3.38
N THR A 178 14.62 -9.87 2.18
CA THR A 178 15.82 -9.30 1.52
C THR A 178 16.16 -7.96 2.22
N ALA A 179 15.13 -7.12 2.41
CA ALA A 179 15.37 -5.81 2.96
C ALA A 179 15.99 -5.92 4.33
N ALA A 180 15.41 -6.77 5.19
CA ALA A 180 15.95 -6.95 6.53
C ALA A 180 17.37 -7.52 6.49
N ALA A 181 17.63 -8.42 5.59
CA ALA A 181 18.96 -8.97 5.51
C ALA A 181 19.93 -7.87 5.09
N VAL A 182 19.58 -7.01 4.15
CA VAL A 182 20.48 -5.87 3.82
C VAL A 182 20.71 -5.01 5.05
N LEU A 183 19.70 -4.62 5.76
CA LEU A 183 19.91 -3.84 7.02
C LEU A 183 20.77 -4.50 8.03
N ASN A 184 20.61 -5.81 8.18
CA ASN A 184 21.38 -6.55 9.17
C ASN A 184 22.87 -6.70 8.71
N GLU A 185 23.25 -6.28 7.54
CA GLU A 185 24.70 -6.19 7.16
C GLU A 185 25.36 -5.06 7.85
N PHE A 186 24.60 -4.11 8.37
CA PHE A 186 25.15 -2.87 8.90
C PHE A 186 24.94 -2.66 10.40
N PRO A 187 25.98 -2.89 11.19
CA PRO A 187 25.83 -2.79 12.65
C PRO A 187 25.55 -1.39 13.13
N LEU A 188 25.92 -0.38 12.33
CA LEU A 188 25.68 0.99 12.82
C LEU A 188 24.21 1.39 12.59
N VAL A 189 23.46 0.60 11.81
CA VAL A 189 22.00 0.90 11.71
C VAL A 189 21.36 0.37 12.97
N LYS A 190 21.03 1.22 13.93
CA LYS A 190 20.47 0.83 15.19
C LYS A 190 18.98 0.97 15.27
N PHE A 191 18.36 1.71 14.35
CA PHE A 191 16.86 1.74 14.36
C PHE A 191 16.44 1.78 12.92
N VAL A 192 15.22 1.31 12.76
CA VAL A 192 14.53 1.23 11.47
C VAL A 192 13.16 1.84 11.65
N THR A 193 12.84 2.88 10.91
CA THR A 193 11.52 3.52 10.98
C THR A 193 10.63 3.01 9.88
N CYS A 194 9.56 2.33 10.31
CA CYS A 194 8.59 1.71 9.38
C CYS A 194 7.26 2.38 9.69
N VAL A 195 6.67 3.17 8.78
CA VAL A 195 6.97 3.37 7.37
C VAL A 195 6.88 4.83 6.96
N ASN A 196 7.52 5.14 5.85
CA ASN A 196 7.18 6.30 5.04
C ASN A 196 5.84 6.10 4.40
N SER A 197 5.37 7.13 3.70
CA SER A 197 4.09 7.07 2.98
CA SER A 197 4.02 7.09 3.09
C SER A 197 3.97 5.99 2.04
N VAL A 198 2.73 5.49 1.87
CA VAL A 198 2.47 4.47 0.84
C VAL A 198 2.48 5.13 -0.50
N GLY A 199 3.51 4.85 -1.30
CA GLY A 199 3.79 5.76 -2.46
C GLY A 199 2.81 5.69 -3.58
N ASN A 200 2.70 6.87 -4.22
CA ASN A 200 2.04 6.99 -5.52
C ASN A 200 0.64 6.41 -5.48
N GLY A 201 -0.13 6.83 -4.49
CA GLY A 201 -1.57 6.74 -4.57
C GLY A 201 -2.16 7.89 -5.39
N LEU A 202 -3.46 7.88 -5.58
CA LEU A 202 -4.14 8.94 -6.36
C LEU A 202 -5.50 9.16 -5.81
N VAL A 203 -5.73 10.38 -5.36
CA VAL A 203 -7.06 10.82 -4.88
C VAL A 203 -7.68 11.65 -5.99
N ILE A 204 -8.96 11.38 -6.27
CA ILE A 204 -9.79 12.05 -7.29
C ILE A 204 -11.03 12.61 -6.61
N ASP A 205 -11.33 13.88 -6.84
CA ASP A 205 -12.57 14.51 -6.37
C ASP A 205 -13.70 14.26 -7.40
N ALA A 206 -14.75 13.65 -6.95
CA ALA A 206 -15.83 13.35 -7.89
C ALA A 206 -16.52 14.57 -8.47
N GLU A 207 -16.74 15.58 -7.64
CA GLU A 207 -17.52 16.75 -8.15
CA GLU A 207 -17.53 16.74 -8.13
C GLU A 207 -16.76 17.45 -9.27
N SER A 208 -15.45 17.73 -9.03
CA SER A 208 -14.65 18.47 -9.96
C SER A 208 -14.05 17.54 -11.04
N GLU A 209 -14.06 16.25 -10.85
CA GLU A 209 -13.52 15.22 -11.74
C GLU A 209 -12.00 15.42 -11.87
N SER A 210 -11.38 15.89 -10.79
N SER A 210 -11.36 15.93 -10.81
CA SER A 210 -9.98 16.31 -10.81
CA SER A 210 -9.94 16.31 -10.86
C SER A 210 -9.18 15.66 -9.70
C SER A 210 -9.18 15.66 -9.72
N VAL A 211 -7.88 15.42 -9.97
CA VAL A 211 -6.98 15.13 -8.92
C VAL A 211 -6.87 16.31 -7.99
N VAL A 212 -6.29 16.10 -6.79
CA VAL A 212 -6.39 17.07 -5.71
C VAL A 212 -5.03 17.70 -5.41
N ILE A 213 -3.94 17.13 -5.91
CA ILE A 213 -2.61 17.72 -5.77
C ILE A 213 -2.04 17.94 -7.18
N LYS A 214 -1.19 18.97 -7.27
CA LYS A 214 -0.67 19.44 -8.55
C LYS A 214 0.50 18.68 -9.11
N PRO A 215 1.55 18.37 -8.37
CA PRO A 215 2.65 17.67 -8.93
C PRO A 215 2.28 16.26 -9.45
N LYS A 216 3.09 15.72 -10.35
CA LYS A 216 3.09 14.30 -10.69
CA LYS A 216 3.09 14.31 -10.72
C LYS A 216 1.71 13.81 -11.11
N GLN A 217 0.89 14.67 -11.79
CA GLN A 217 -0.40 14.31 -12.33
C GLN A 217 -1.35 13.79 -11.24
N GLY A 218 -1.11 14.32 -10.00
CA GLY A 218 -1.95 13.99 -8.89
C GLY A 218 -1.48 12.88 -8.01
N PHE A 219 -0.43 12.19 -8.40
CA PHE A 219 0.08 11.02 -7.66
C PHE A 219 0.86 11.47 -6.43
N GLY A 220 0.68 10.85 -5.28
CA GLY A 220 1.36 11.26 -4.07
C GLY A 220 1.36 10.18 -3.07
N GLY A 221 2.14 10.35 -1.99
CA GLY A 221 2.20 9.35 -0.94
C GLY A 221 1.03 9.45 0.01
N LEU A 222 0.56 8.30 0.45
CA LEU A 222 -0.59 8.19 1.34
C LEU A 222 -0.17 8.04 2.78
N GLY A 223 -0.89 8.72 3.66
CA GLY A 223 -0.76 8.58 5.11
C GLY A 223 -2.07 8.49 5.78
N GLY A 224 -2.06 8.19 7.08
CA GLY A 224 -3.28 8.21 7.85
C GLY A 224 -4.01 6.89 7.93
N LYS A 225 -5.31 6.95 8.08
CA LYS A 225 -6.08 5.69 8.33
C LYS A 225 -5.90 4.66 7.22
N TYR A 226 -5.70 5.08 5.99
CA TYR A 226 -5.52 4.18 4.89
C TYR A 226 -4.41 3.17 5.17
N ILE A 227 -3.38 3.58 5.91
CA ILE A 227 -2.13 2.88 5.93
C ILE A 227 -1.83 2.11 7.23
N LEU A 228 -2.74 2.13 8.22
CA LEU A 228 -2.39 1.52 9.48
C LEU A 228 -2.03 0.04 9.39
N PRO A 229 -2.85 -0.80 8.72
CA PRO A 229 -2.42 -2.22 8.64
C PRO A 229 -1.13 -2.48 7.90
N THR A 230 -0.83 -1.67 6.88
CA THR A 230 0.37 -1.76 6.22
C THR A 230 1.56 -1.39 7.12
N ALA A 231 1.40 -0.34 7.85
CA ALA A 231 2.45 0.12 8.84
C ALA A 231 2.69 -0.96 9.90
N LEU A 232 1.61 -1.49 10.47
CA LEU A 232 1.73 -2.51 11.49
C LEU A 232 2.47 -3.72 10.92
N ALA A 233 2.14 -4.14 9.71
CA ALA A 233 2.85 -5.28 9.11
C ALA A 233 4.28 -5.04 8.95
N ASN A 234 4.68 -3.86 8.50
CA ASN A 234 6.08 -3.56 8.31
C ASN A 234 6.86 -3.45 9.64
N VAL A 235 6.21 -2.81 10.62
CA VAL A 235 6.84 -2.77 12.00
C VAL A 235 7.10 -4.22 12.44
N ASN A 236 6.09 -5.06 12.40
CA ASN A 236 6.23 -6.43 12.94
C ASN A 236 7.21 -7.23 12.08
N ALA A 237 7.19 -7.05 10.76
CA ALA A 237 8.10 -7.82 9.90
C ALA A 237 9.49 -7.51 10.22
N PHE A 238 9.85 -6.24 10.42
CA PHE A 238 11.25 -5.87 10.73
C PHE A 238 11.56 -6.12 12.18
N TYR A 239 10.60 -6.04 13.07
CA TYR A 239 10.83 -6.41 14.46
C TYR A 239 11.22 -7.88 14.52
N ARG A 240 10.54 -8.76 13.79
CA ARG A 240 10.88 -10.19 13.80
C ARG A 240 12.22 -10.39 13.18
N ARG A 241 12.61 -9.71 12.12
CA ARG A 241 13.79 -10.02 11.32
C ARG A 241 15.05 -9.32 11.76
N CYS A 242 14.93 -8.29 12.54
CA CYS A 242 16.06 -7.50 13.04
C CYS A 242 16.09 -7.49 14.52
N PRO A 243 16.54 -8.61 15.12
CA PRO A 243 16.48 -8.71 16.57
C PRO A 243 17.52 -7.86 17.23
N ASP A 244 18.52 -7.35 16.57
CA ASP A 244 19.51 -6.53 17.24
C ASP A 244 19.36 -5.05 16.95
N LYS A 245 18.22 -4.66 16.37
CA LYS A 245 17.90 -3.27 16.10
C LYS A 245 16.58 -2.89 16.76
N LEU A 246 16.35 -1.59 16.92
CA LEU A 246 15.08 -1.04 17.27
C LEU A 246 14.22 -0.77 16.06
N VAL A 247 12.90 -0.87 16.20
CA VAL A 247 11.97 -0.50 15.13
C VAL A 247 11.13 0.66 15.65
N PHE A 248 11.06 1.76 14.91
CA PHE A 248 10.18 2.88 15.22
C PHE A 248 8.98 2.76 14.35
N GLY A 249 7.77 2.88 14.89
CA GLY A 249 6.58 2.78 14.07
C GLY A 249 6.10 4.10 13.59
N CYS A 250 5.63 4.15 12.36
CA CYS A 250 5.03 5.36 11.80
C CYS A 250 3.95 4.91 10.84
N GLY A 251 2.77 5.46 10.93
CA GLY A 251 1.74 5.22 9.90
C GLY A 251 0.42 5.00 10.59
N GLY A 252 -0.55 5.88 10.36
CA GLY A 252 -1.86 5.63 10.80
C GLY A 252 -2.15 5.86 12.26
N VAL A 253 -1.30 6.56 13.00
CA VAL A 253 -1.57 6.77 14.43
C VAL A 253 -2.41 8.03 14.65
N TYR A 254 -3.62 7.81 15.16
CA TYR A 254 -4.55 8.93 15.57
C TYR A 254 -4.89 8.82 17.03
N SER A 255 -4.62 7.72 17.71
CA SER A 255 -5.12 7.51 19.06
C SER A 255 -4.10 6.74 19.86
N GLY A 256 -4.25 6.71 21.20
CA GLY A 256 -3.46 5.84 22.03
C GLY A 256 -3.68 4.39 21.69
N GLU A 257 -4.85 4.00 21.24
CA GLU A 257 -5.06 2.64 20.84
C GLU A 257 -4.22 2.29 19.59
N ASP A 258 -4.13 3.19 18.62
CA ASP A 258 -3.32 2.90 17.48
C ASP A 258 -1.81 2.78 17.86
N ALA A 259 -1.40 3.66 18.76
CA ALA A 259 -0.05 3.57 19.30
C ALA A 259 0.24 2.23 20.03
N PHE A 260 -0.78 1.82 20.82
CA PHE A 260 -0.71 0.53 21.48
C PHE A 260 -0.49 -0.62 20.48
N LEU A 261 -1.25 -0.58 19.34
CA LEU A 261 -1.04 -1.57 18.34
C LEU A 261 0.36 -1.56 17.73
N HIS A 262 0.87 -0.36 17.41
CA HIS A 262 2.27 -0.28 16.95
C HIS A 262 3.27 -0.88 17.92
N ILE A 263 3.05 -0.56 19.23
CA ILE A 263 3.98 -1.09 20.25
C ILE A 263 3.83 -2.61 20.36
N LEU A 264 2.59 -3.12 20.36
CA LEU A 264 2.39 -4.58 20.31
C LEU A 264 3.10 -5.25 19.13
N ALA A 265 3.14 -4.57 17.97
CA ALA A 265 3.78 -5.05 16.79
C ALA A 265 5.31 -5.01 16.89
N GLY A 266 5.83 -4.20 17.84
CA GLY A 266 7.30 -4.10 17.98
C GLY A 266 7.84 -2.69 18.15
N ALA A 267 7.04 -1.67 17.98
CA ALA A 267 7.57 -0.32 18.00
C ALA A 267 8.16 0.10 19.30
N SER A 268 9.32 0.79 19.22
CA SER A 268 9.98 1.43 20.39
C SER A 268 9.47 2.87 20.50
N MET A 269 9.70 3.70 19.51
CA MET A 269 9.05 5.02 19.38
C MET A 269 7.95 4.95 18.37
N VAL A 270 6.99 5.82 18.50
CA VAL A 270 5.81 5.91 17.66
C VAL A 270 5.71 7.31 17.10
N GLN A 271 5.79 7.42 15.78
CA GLN A 271 5.80 8.73 15.10
C GLN A 271 4.39 9.01 14.56
N VAL A 272 4.02 10.29 14.53
CA VAL A 272 2.67 10.81 14.13
C VAL A 272 2.82 11.83 13.05
N GLY A 273 2.25 11.51 11.86
CA GLY A 273 2.34 12.38 10.73
C GLY A 273 1.02 13.07 10.47
N THR A 274 0.21 12.46 9.62
CA THR A 274 -1.10 13.02 9.21
C THR A 274 -1.91 13.53 10.40
N ALA A 275 -2.04 12.71 11.44
CA ALA A 275 -2.91 13.11 12.52
C ALA A 275 -2.38 14.36 13.22
N LEU A 276 -1.07 14.53 13.31
CA LEU A 276 -0.43 15.70 13.86
C LEU A 276 -0.60 16.89 12.93
N GLN A 277 -0.46 16.69 11.63
CA GLN A 277 -0.70 17.77 10.69
C GLN A 277 -2.12 18.28 10.81
N GLU A 278 -3.07 17.41 11.03
CA GLU A 278 -4.49 17.81 11.11
C GLU A 278 -4.87 18.35 12.46
N GLU A 279 -4.38 17.80 13.58
CA GLU A 279 -4.83 18.20 14.93
C GLU A 279 -3.91 19.19 15.61
N GLY A 280 -2.66 19.28 15.24
CA GLY A 280 -1.67 20.08 15.89
C GLY A 280 -1.08 19.39 17.10
N PRO A 281 -0.16 20.08 17.77
CA PRO A 281 0.72 19.44 18.73
C PRO A 281 0.03 19.09 20.06
N GLY A 282 -1.19 19.60 20.27
CA GLY A 282 -1.96 19.13 21.32
C GLY A 282 -2.22 17.66 21.32
N ILE A 283 -2.13 17.04 20.14
CA ILE A 283 -2.36 15.63 20.02
C ILE A 283 -1.53 14.84 20.92
N PHE A 284 -0.31 15.29 21.24
CA PHE A 284 0.60 14.51 22.08
C PHE A 284 0.10 14.29 23.53
N THR A 285 -0.61 15.27 24.09
CA THR A 285 -1.10 15.01 25.47
C THR A 285 -2.23 14.01 25.40
N ARG A 286 -3.07 14.09 24.35
CA ARG A 286 -4.15 13.11 24.14
C ARG A 286 -3.64 11.71 23.95
N LEU A 287 -2.64 11.56 23.07
CA LEU A 287 -2.13 10.23 22.80
C LEU A 287 -1.52 9.64 24.07
N GLU A 288 -0.76 10.40 24.88
N GLU A 288 -0.75 10.41 24.86
CA GLU A 288 -0.20 9.83 26.09
CA GLU A 288 -0.22 9.93 26.13
C GLU A 288 -1.29 9.49 27.10
C GLU A 288 -1.30 9.49 27.09
N ASP A 289 -2.29 10.33 27.27
CA ASP A 289 -3.39 10.05 28.20
C ASP A 289 -4.09 8.80 27.74
N GLU A 290 -4.38 8.64 26.43
CA GLU A 290 -5.09 7.46 25.92
C GLU A 290 -4.25 6.19 26.02
N LEU A 291 -2.96 6.24 25.77
CA LEU A 291 -2.11 5.06 25.91
C LEU A 291 -2.05 4.60 27.39
N LEU A 292 -1.88 5.56 28.30
CA LEU A 292 -1.82 5.24 29.77
C LEU A 292 -3.14 4.68 30.16
N GLU A 293 -4.25 5.11 29.67
CA GLU A 293 -5.52 4.57 30.08
C GLU A 293 -5.65 3.10 29.61
N ILE A 294 -5.28 2.79 28.35
CA ILE A 294 -5.37 1.43 27.86
CA ILE A 294 -5.37 1.43 27.85
C ILE A 294 -4.43 0.53 28.71
N MET A 295 -3.20 0.98 28.99
CA MET A 295 -2.28 0.19 29.82
C MET A 295 -2.90 -0.06 31.19
N ALA A 296 -3.50 0.94 31.77
CA ALA A 296 -4.12 0.78 33.14
C ALA A 296 -5.24 -0.20 33.05
N ARG A 297 -6.06 -0.17 32.08
CA ARG A 297 -7.21 -1.09 31.99
C ARG A 297 -6.70 -2.50 31.87
N LYS A 298 -5.62 -2.74 31.18
CA LYS A 298 -5.05 -4.05 30.96
C LYS A 298 -4.08 -4.54 32.04
N GLY A 299 -3.71 -3.67 32.97
CA GLY A 299 -2.73 -4.02 33.98
C GLY A 299 -1.29 -3.94 33.60
N TYR A 300 -0.98 -3.28 32.49
CA TYR A 300 0.42 -3.07 32.06
C TYR A 300 0.98 -1.83 32.78
N ARG A 301 2.15 -2.00 33.39
CA ARG A 301 2.86 -0.91 34.02
C ARG A 301 3.97 -0.34 33.18
N THR A 302 4.50 -1.08 32.20
CA THR A 302 5.63 -0.63 31.40
C THR A 302 5.31 -0.94 29.94
N LEU A 303 5.98 -0.21 29.06
CA LEU A 303 5.92 -0.55 27.60
C LEU A 303 6.56 -1.89 27.33
N GLU A 304 7.63 -2.24 28.02
CA GLU A 304 8.32 -3.47 27.78
C GLU A 304 7.43 -4.68 28.02
N GLU A 305 6.45 -4.56 28.87
CA GLU A 305 5.60 -5.70 29.15
C GLU A 305 4.83 -6.19 27.92
N PHE A 306 4.58 -5.30 26.96
CA PHE A 306 3.83 -5.73 25.81
C PHE A 306 4.49 -5.42 24.48
N ARG A 307 5.65 -4.75 24.43
CA ARG A 307 6.22 -4.43 23.15
C ARG A 307 6.55 -5.68 22.40
N GLY A 308 6.08 -5.84 21.15
CA GLY A 308 6.38 -6.98 20.34
C GLY A 308 5.60 -8.24 20.68
N ARG A 309 4.69 -8.12 21.62
CA ARG A 309 3.92 -9.30 22.17
C ARG A 309 2.62 -9.52 21.52
N VAL A 310 2.40 -9.03 20.28
CA VAL A 310 1.24 -9.38 19.56
C VAL A 310 1.10 -10.90 19.46
N LYS A 311 -0.14 -11.38 19.68
CA LYS A 311 -0.37 -12.84 19.63
C LYS A 311 -0.74 -13.34 18.29
N THR A 312 -0.27 -14.51 17.89
CA THR A 312 -0.72 -15.15 16.67
C THR A 312 -1.69 -16.23 17.06
N ILE A 313 -2.44 -16.76 16.08
CA ILE A 313 -3.44 -17.81 16.29
C ILE A 313 -2.78 -19.20 15.97
N GLU A 314 -2.72 -20.03 17.04
CA GLU A 314 -2.63 -21.53 16.99
C GLU A 314 -1.66 -22.11 15.99
N MET B 2 -29.79 7.73 -20.77
CA MET B 2 -28.51 7.34 -20.04
C MET B 2 -28.28 5.87 -20.15
N CYS B 3 -27.02 5.48 -20.27
CA CYS B 3 -26.71 4.14 -20.63
C CYS B 3 -25.44 3.63 -19.93
N LEU B 4 -25.54 2.48 -19.27
CA LEU B 4 -24.34 1.78 -18.72
C LEU B 4 -23.68 0.73 -19.56
N LYS B 5 -24.21 0.56 -20.77
N LYS B 5 -24.23 0.48 -20.79
CA LYS B 5 -23.75 -0.45 -21.64
CA LYS B 5 -23.78 -0.64 -21.67
C LYS B 5 -22.28 -0.34 -22.06
C LYS B 5 -22.35 -0.38 -22.10
N LEU B 6 -21.62 -1.47 -22.28
CA LEU B 6 -20.26 -1.51 -22.85
C LEU B 6 -20.20 -2.61 -23.87
N ASN B 7 -19.36 -2.40 -24.90
CA ASN B 7 -19.12 -3.44 -25.89
C ASN B 7 -17.64 -3.48 -25.96
N LEU B 8 -17.04 -4.54 -25.48
CA LEU B 8 -15.60 -4.69 -25.45
C LEU B 8 -15.20 -6.14 -25.50
N LEU B 9 -13.98 -6.41 -25.98
CA LEU B 9 -13.46 -7.78 -26.08
C LEU B 9 -14.47 -8.69 -26.90
N ASP B 10 -15.22 -8.10 -27.85
CA ASP B 10 -16.23 -8.85 -28.66
CA ASP B 10 -16.23 -8.80 -28.69
C ASP B 10 -17.37 -9.42 -27.89
N HIS B 11 -17.68 -8.77 -26.77
CA HIS B 11 -18.81 -9.07 -25.90
C HIS B 11 -19.62 -7.87 -25.56
N VAL B 12 -20.88 -7.96 -25.27
CA VAL B 12 -21.74 -6.90 -24.82
C VAL B 12 -22.02 -7.13 -23.32
N PHE B 13 -21.90 -6.00 -22.58
CA PHE B 13 -22.09 -5.99 -21.11
C PHE B 13 -23.19 -5.01 -20.83
N ALA B 14 -24.11 -5.37 -19.98
CA ALA B 14 -25.22 -4.51 -19.64
C ALA B 14 -24.81 -3.30 -18.81
N ASN B 15 -23.72 -3.49 -18.04
CA ASN B 15 -23.19 -2.51 -17.17
C ASN B 15 -21.76 -2.94 -16.86
N PRO B 16 -20.96 -2.03 -16.21
CA PRO B 16 -19.52 -2.34 -16.03
C PRO B 16 -19.20 -3.17 -14.77
N PHE B 17 -20.18 -3.47 -13.98
CA PHE B 17 -19.94 -4.15 -12.72
C PHE B 17 -19.81 -5.65 -12.77
N MET B 18 -18.89 -6.17 -11.98
CA MET B 18 -18.72 -7.61 -11.86
C MET B 18 -18.13 -7.88 -10.45
N ASN B 19 -18.18 -9.14 -10.05
CA ASN B 19 -17.41 -9.48 -8.85
C ASN B 19 -15.96 -9.41 -9.15
N ALA B 20 -15.17 -9.22 -8.05
CA ALA B 20 -13.74 -9.45 -8.03
C ALA B 20 -13.43 -10.95 -7.88
N ALA B 21 -12.40 -11.47 -8.56
CA ALA B 21 -12.12 -12.86 -8.42
C ALA B 21 -11.92 -13.25 -7.00
N GLY B 22 -12.46 -14.39 -6.59
CA GLY B 22 -12.41 -14.89 -5.25
C GLY B 22 -13.65 -14.62 -4.42
N VAL B 23 -14.42 -13.62 -4.81
CA VAL B 23 -15.62 -13.27 -4.00
C VAL B 23 -16.85 -13.81 -4.70
N LEU B 24 -17.66 -14.59 -4.02
CA LEU B 24 -18.90 -15.10 -4.56
C LEU B 24 -18.76 -15.78 -5.88
N CYS B 25 -17.81 -16.69 -5.95
CA CYS B 25 -17.55 -17.34 -7.22
C CYS B 25 -16.76 -18.67 -7.16
N SER B 26 -16.84 -19.34 -6.03
CA SER B 26 -16.07 -20.56 -5.85
C SER B 26 -16.90 -21.76 -6.24
N THR B 27 -18.12 -21.90 -5.81
CA THR B 27 -18.97 -23.06 -6.06
C THR B 27 -19.89 -22.82 -7.22
N GLU B 28 -20.55 -23.88 -7.69
CA GLU B 28 -21.57 -23.72 -8.68
C GLU B 28 -22.69 -22.81 -8.18
N GLU B 29 -23.06 -22.99 -6.93
CA GLU B 29 -24.06 -22.15 -6.28
C GLU B 29 -23.68 -20.69 -6.36
N ASP B 30 -22.44 -20.40 -6.00
CA ASP B 30 -21.96 -19.00 -6.07
C ASP B 30 -22.07 -18.44 -7.48
N LEU B 31 -21.59 -19.22 -8.46
CA LEU B 31 -21.63 -18.76 -9.85
C LEU B 31 -23.00 -18.55 -10.41
N ARG B 32 -23.94 -19.41 -10.01
N ARG B 32 -23.94 -19.41 -10.01
CA ARG B 32 -25.35 -19.22 -10.37
CA ARG B 32 -25.34 -19.24 -10.36
C ARG B 32 -25.91 -17.95 -9.72
C ARG B 32 -25.91 -17.98 -9.70
N CYS B 33 -25.50 -17.68 -8.48
CA CYS B 33 -26.00 -16.52 -7.79
C CYS B 33 -25.45 -15.26 -8.48
N MET B 34 -24.15 -15.25 -8.79
CA MET B 34 -23.58 -14.11 -9.59
C MET B 34 -24.25 -13.97 -10.93
N THR B 35 -24.56 -15.07 -11.57
CA THR B 35 -25.27 -15.00 -12.88
C THR B 35 -26.66 -14.39 -12.70
N ALA B 36 -27.34 -14.75 -11.64
CA ALA B 36 -28.69 -14.25 -11.39
C ALA B 36 -28.72 -12.78 -10.99
N SER B 37 -27.60 -12.26 -10.50
CA SER B 37 -27.52 -10.88 -10.06
C SER B 37 -27.63 -9.89 -11.22
N SER B 38 -27.64 -8.61 -10.86
CA SER B 38 -27.67 -7.53 -11.86
CA SER B 38 -27.66 -7.56 -11.89
C SER B 38 -26.29 -7.17 -12.36
N SER B 39 -25.21 -7.86 -11.99
CA SER B 39 -23.90 -7.60 -12.50
C SER B 39 -23.88 -7.68 -14.01
N GLY B 40 -22.97 -6.94 -14.64
CA GLY B 40 -22.74 -7.05 -16.06
C GLY B 40 -21.94 -8.23 -16.47
N ALA B 41 -21.14 -8.80 -15.58
CA ALA B 41 -20.33 -10.02 -15.86
C ALA B 41 -19.98 -10.74 -14.58
N LEU B 42 -19.32 -11.86 -14.65
CA LEU B 42 -18.73 -12.51 -13.46
C LEU B 42 -17.43 -13.11 -13.80
N VAL B 43 -16.62 -13.36 -12.80
CA VAL B 43 -15.34 -14.02 -12.90
C VAL B 43 -15.32 -15.15 -11.91
N SER B 44 -14.75 -16.31 -12.31
CA SER B 44 -14.61 -17.45 -11.36
C SER B 44 -13.43 -17.28 -10.44
N LYS B 45 -13.45 -18.00 -9.33
CA LYS B 45 -12.40 -18.08 -8.32
C LYS B 45 -11.08 -18.51 -8.96
N SER B 46 -9.98 -17.90 -8.67
CA SER B 46 -8.65 -18.39 -9.24
C SER B 46 -8.47 -19.83 -8.89
N CYS B 47 -8.07 -20.61 -9.92
CA CYS B 47 -7.88 -22.05 -9.74
C CYS B 47 -6.52 -22.53 -10.05
N THR B 48 -6.20 -23.66 -9.39
CA THR B 48 -4.95 -24.44 -9.68
C THR B 48 -5.48 -25.61 -10.46
N SER B 49 -4.45 -26.35 -11.02
CA SER B 49 -4.77 -27.50 -11.80
C SER B 49 -5.55 -28.57 -11.02
N ALA B 50 -5.06 -28.83 -9.82
CA ALA B 50 -5.72 -29.75 -8.89
C ALA B 50 -6.55 -29.02 -7.85
N PRO B 51 -7.64 -29.60 -7.31
CA PRO B 51 -8.38 -29.01 -6.22
C PRO B 51 -7.45 -28.81 -5.00
N ARG B 52 -7.80 -27.79 -4.23
CA ARG B 52 -7.21 -27.41 -2.94
C ARG B 52 -8.21 -26.98 -1.88
N ASP B 53 -7.77 -27.13 -0.63
CA ASP B 53 -8.52 -26.70 0.58
C ASP B 53 -8.30 -25.23 1.04
N GLY B 54 -7.20 -24.64 0.64
CA GLY B 54 -6.86 -23.36 1.20
C GLY B 54 -6.28 -23.45 2.61
N ASN B 55 -6.07 -22.26 3.16
CA ASN B 55 -5.38 -22.11 4.45
C ASN B 55 -6.34 -22.37 5.64
N PRO B 56 -5.81 -22.57 6.87
CA PRO B 56 -6.67 -22.78 8.08
C PRO B 56 -7.53 -21.53 8.48
N GLU B 57 -8.73 -21.70 9.08
CA GLU B 57 -9.65 -20.58 9.41
C GLU B 57 -9.33 -20.08 10.79
N PRO B 58 -9.60 -18.84 11.02
CA PRO B 58 -10.12 -17.79 10.13
C PRO B 58 -9.08 -17.25 9.11
N ARG B 59 -9.55 -17.07 7.90
CA ARG B 59 -8.68 -16.59 6.81
C ARG B 59 -9.21 -15.35 6.14
N TYR B 60 -10.33 -14.80 6.57
CA TYR B 60 -10.90 -13.55 6.06
C TYR B 60 -11.53 -12.85 7.21
N MET B 61 -11.32 -11.58 7.35
CA MET B 61 -12.01 -10.73 8.32
CA MET B 61 -12.01 -10.72 8.31
C MET B 61 -12.29 -9.36 7.75
N ALA B 62 -13.46 -8.80 8.05
CA ALA B 62 -13.83 -7.50 7.58
C ALA B 62 -14.15 -6.55 8.70
N PHE B 63 -13.92 -5.28 8.42
CA PHE B 63 -13.93 -4.15 9.37
C PHE B 63 -14.55 -3.00 8.66
N PRO B 64 -14.82 -1.88 9.36
CA PRO B 64 -15.41 -0.74 8.74
C PRO B 64 -14.59 -0.20 7.57
N LEU B 65 -13.29 -0.25 7.63
CA LEU B 65 -12.40 0.25 6.59
C LEU B 65 -11.99 -0.77 5.57
N GLY B 66 -12.38 -2.01 5.69
CA GLY B 66 -12.08 -2.95 4.63
C GLY B 66 -11.82 -4.33 5.15
N SER B 67 -11.02 -5.11 4.47
CA SER B 67 -10.85 -6.48 4.82
C SER B 67 -9.39 -6.90 4.75
N ILE B 68 -9.10 -8.03 5.44
CA ILE B 68 -7.83 -8.69 5.32
C ILE B 68 -8.06 -10.15 5.03
N ASN B 69 -7.25 -10.75 4.19
CA ASN B 69 -7.45 -12.18 3.89
C ASN B 69 -6.14 -12.88 3.61
N SER B 70 -6.12 -14.16 3.99
CA SER B 70 -5.05 -15.06 3.59
CA SER B 70 -5.05 -15.05 3.58
C SER B 70 -5.72 -16.34 3.11
N MET B 71 -6.54 -16.23 2.11
CA MET B 71 -7.26 -17.44 1.67
C MET B 71 -6.36 -18.55 1.22
N GLY B 72 -5.40 -18.15 0.36
CA GLY B 72 -4.35 -19.11 -0.03
C GLY B 72 -4.94 -20.03 -1.09
N LEU B 73 -4.75 -21.29 -1.08
CA LEU B 73 -5.20 -22.00 -2.29
C LEU B 73 -6.77 -22.29 -2.68
N PRO B 74 -7.90 -21.70 -2.03
CA PRO B 74 -8.94 -22.70 -2.09
C PRO B 74 -9.78 -22.71 -3.29
N ASN B 75 -9.87 -23.83 -3.98
CA ASN B 75 -10.66 -23.84 -5.18
C ASN B 75 -11.02 -25.26 -5.51
N LEU B 76 -12.06 -25.42 -6.30
CA LEU B 76 -12.51 -26.70 -6.67
C LEU B 76 -11.61 -27.33 -7.78
N GLY B 77 -10.58 -26.63 -8.26
CA GLY B 77 -9.66 -27.12 -9.32
C GLY B 77 -10.12 -26.71 -10.65
N PHE B 78 -9.15 -26.68 -11.55
CA PHE B 78 -9.41 -26.28 -12.91
C PHE B 78 -10.48 -27.06 -13.63
N ASP B 79 -10.50 -28.39 -13.45
CA ASP B 79 -11.48 -29.21 -14.15
C ASP B 79 -12.91 -28.73 -13.92
N PHE B 80 -13.18 -28.40 -12.68
CA PHE B 80 -14.50 -27.87 -12.32
C PHE B 80 -14.91 -26.50 -13.00
N TYR B 81 -13.92 -25.55 -12.99
CA TYR B 81 -14.20 -24.27 -13.59
C TYR B 81 -14.27 -24.36 -15.12
N LEU B 82 -13.39 -25.29 -15.70
CA LEU B 82 -13.60 -25.53 -17.16
C LEU B 82 -14.92 -26.10 -17.54
N LYS B 83 -15.35 -27.05 -16.72
CA LYS B 83 -16.66 -27.65 -16.92
C LYS B 83 -17.79 -26.62 -16.80
N TYR B 84 -17.66 -25.76 -15.79
CA TYR B 84 -18.65 -24.75 -15.63
C TYR B 84 -18.72 -23.87 -16.92
N ALA B 85 -17.53 -23.43 -17.37
CA ALA B 85 -17.47 -22.63 -18.61
C ALA B 85 -18.07 -23.34 -19.84
N SER B 86 -17.73 -24.63 -19.92
CA SER B 86 -18.12 -25.48 -21.10
CA SER B 86 -18.11 -25.35 -21.15
C SER B 86 -19.57 -25.83 -21.14
N ASP B 87 -20.09 -26.21 -19.97
CA ASP B 87 -21.39 -26.89 -19.93
C ASP B 87 -22.48 -26.22 -19.14
N LEU B 88 -22.11 -25.39 -18.13
CA LEU B 88 -23.12 -24.95 -17.20
C LEU B 88 -23.49 -23.46 -17.31
N HIS B 89 -22.51 -22.61 -17.62
CA HIS B 89 -22.76 -21.19 -17.64
C HIS B 89 -23.74 -20.82 -18.71
N ASP B 90 -24.66 -19.95 -18.41
CA ASP B 90 -25.59 -19.43 -19.39
C ASP B 90 -24.99 -18.10 -19.95
N TYR B 91 -24.42 -18.18 -21.12
CA TYR B 91 -23.82 -17.02 -21.78
C TYR B 91 -24.85 -16.06 -22.30
N SER B 92 -26.11 -16.49 -22.38
CA SER B 92 -27.16 -15.56 -22.75
C SER B 92 -27.47 -14.54 -21.65
N LYS B 93 -27.06 -14.86 -20.41
CA LYS B 93 -27.25 -13.91 -19.33
C LYS B 93 -26.17 -12.83 -19.19
N LYS B 94 -24.92 -13.21 -19.22
CA LYS B 94 -23.79 -12.26 -19.14
C LYS B 94 -22.53 -13.01 -19.48
N PRO B 95 -21.45 -12.29 -19.81
CA PRO B 95 -20.17 -12.89 -20.08
C PRO B 95 -19.48 -13.46 -18.83
N LEU B 96 -18.66 -14.45 -19.00
CA LEU B 96 -17.89 -15.13 -17.99
C LEU B 96 -16.43 -14.95 -18.23
N PHE B 97 -15.68 -14.60 -17.19
CA PHE B 97 -14.30 -14.63 -17.14
C PHE B 97 -13.84 -15.83 -16.25
N LEU B 98 -12.76 -16.53 -16.57
CA LEU B 98 -12.21 -17.58 -15.78
C LEU B 98 -10.89 -17.16 -15.32
N SER B 99 -10.62 -17.18 -14.00
CA SER B 99 -9.35 -16.78 -13.44
C SER B 99 -8.49 -18.01 -13.16
N ILE B 100 -7.22 -17.98 -13.61
CA ILE B 100 -6.26 -19.05 -13.23
C ILE B 100 -5.07 -18.60 -12.49
N SER B 101 -4.54 -19.38 -11.57
CA SER B 101 -3.45 -19.04 -10.80
C SER B 101 -2.65 -20.29 -10.45
N GLY B 102 -2.05 -20.82 -11.49
CA GLY B 102 -1.02 -21.90 -11.24
C GLY B 102 0.15 -21.46 -10.42
N LEU B 103 0.86 -22.45 -9.83
CA LEU B 103 1.97 -22.21 -8.95
C LEU B 103 3.33 -22.19 -9.66
N SER B 104 3.27 -22.35 -10.96
CA SER B 104 4.42 -22.35 -11.81
C SER B 104 3.99 -21.97 -13.19
N VAL B 105 4.95 -21.58 -14.04
CA VAL B 105 4.61 -21.30 -15.38
C VAL B 105 4.12 -22.52 -16.05
N GLU B 106 4.72 -23.69 -15.70
CA GLU B 106 4.26 -24.89 -16.33
C GLU B 106 2.79 -25.27 -16.04
N GLU B 107 2.36 -25.05 -14.80
CA GLU B 107 0.98 -25.36 -14.45
C GLU B 107 0.02 -24.42 -15.21
N ASN B 108 0.40 -23.14 -15.30
CA ASN B 108 -0.45 -22.22 -16.06
C ASN B 108 -0.57 -22.58 -17.48
N VAL B 109 0.62 -22.95 -18.06
CA VAL B 109 0.60 -23.41 -19.40
C VAL B 109 -0.25 -24.67 -19.64
N ALA B 110 -0.18 -25.57 -18.67
CA ALA B 110 -0.99 -26.82 -18.78
C ALA B 110 -2.52 -26.48 -18.84
N MET B 111 -2.93 -25.50 -18.03
CA MET B 111 -4.35 -25.12 -18.01
C MET B 111 -4.80 -24.40 -19.22
N VAL B 112 -3.97 -23.38 -19.67
CA VAL B 112 -4.41 -22.64 -20.78
C VAL B 112 -4.49 -23.44 -22.15
N ARG B 113 -3.67 -24.46 -22.26
CA ARG B 113 -3.73 -25.35 -23.41
C ARG B 113 -5.15 -25.98 -23.43
N ARG B 114 -5.67 -26.33 -22.28
CA ARG B 114 -6.99 -26.93 -22.20
C ARG B 114 -8.12 -25.94 -22.26
N LEU B 115 -7.88 -24.71 -21.80
CA LEU B 115 -8.90 -23.72 -21.90
C LEU B 115 -9.21 -23.24 -23.28
N ALA B 116 -8.08 -23.18 -24.05
CA ALA B 116 -8.22 -22.55 -25.37
C ALA B 116 -9.39 -22.98 -26.28
N PRO B 117 -9.62 -24.35 -26.44
CA PRO B 117 -10.78 -24.74 -27.21
C PRO B 117 -12.14 -24.30 -26.68
N VAL B 118 -12.23 -24.23 -25.34
CA VAL B 118 -13.49 -23.74 -24.72
C VAL B 118 -13.66 -22.21 -24.89
N ALA B 119 -12.55 -21.49 -24.77
CA ALA B 119 -12.63 -20.05 -25.13
C ALA B 119 -13.10 -19.72 -26.54
N GLN B 120 -12.52 -20.57 -27.39
CA GLN B 120 -12.92 -20.41 -28.78
C GLN B 120 -14.36 -20.73 -29.06
N GLU B 121 -14.82 -21.82 -28.48
CA GLU B 121 -16.20 -22.21 -28.74
C GLU B 121 -17.23 -21.37 -28.00
N LYS B 122 -16.94 -21.09 -26.69
CA LYS B 122 -17.97 -20.46 -25.82
C LYS B 122 -17.80 -18.93 -25.58
N GLY B 123 -16.58 -18.49 -25.77
CA GLY B 123 -16.20 -17.09 -25.56
C GLY B 123 -15.90 -16.78 -24.08
N VAL B 124 -15.72 -17.76 -23.24
CA VAL B 124 -15.16 -17.48 -21.91
C VAL B 124 -13.86 -16.74 -22.05
N LEU B 125 -13.59 -15.75 -21.14
CA LEU B 125 -12.41 -14.92 -21.19
C LEU B 125 -11.42 -15.18 -20.12
N LEU B 126 -10.17 -15.37 -20.33
CA LEU B 126 -9.18 -15.70 -19.36
C LEU B 126 -8.70 -14.43 -18.63
N GLU B 127 -8.66 -14.55 -17.32
CA GLU B 127 -7.96 -13.59 -16.47
C GLU B 127 -6.86 -14.33 -15.80
N LEU B 128 -5.56 -14.06 -16.10
CA LEU B 128 -4.43 -14.70 -15.58
C LEU B 128 -3.98 -14.03 -14.32
N ASN B 129 -3.97 -14.68 -13.17
CA ASN B 129 -3.60 -14.07 -11.91
C ASN B 129 -2.15 -14.10 -11.66
N LEU B 130 -1.46 -12.97 -11.72
CA LEU B 130 -0.04 -12.84 -11.41
C LEU B 130 0.23 -12.15 -10.13
N SER B 131 -0.73 -12.11 -9.22
CA SER B 131 -0.61 -11.30 -8.03
C SER B 131 -1.08 -11.76 -6.67
N CYS B 132 -1.33 -13.00 -6.55
CA CYS B 132 -1.71 -13.56 -5.23
C CYS B 132 -0.64 -13.33 -4.17
N PRO B 133 -0.96 -12.66 -3.04
CA PRO B 133 -0.01 -12.33 -1.99
C PRO B 133 0.01 -13.30 -0.84
N ASN B 134 -0.68 -14.45 -0.98
CA ASN B 134 -0.87 -15.38 0.17
C ASN B 134 -0.34 -16.81 0.07
N VAL B 135 0.59 -17.03 -0.86
CA VAL B 135 1.30 -18.36 -0.93
C VAL B 135 2.73 -18.26 -0.43
N PRO B 136 3.05 -18.82 0.76
CA PRO B 136 4.48 -18.87 1.29
C PRO B 136 5.42 -19.50 0.29
N GLY B 137 6.53 -18.82 0.02
CA GLY B 137 7.52 -19.27 -0.95
C GLY B 137 7.23 -18.99 -2.37
N LYS B 138 6.07 -18.37 -2.62
CA LYS B 138 5.69 -18.01 -4.00
C LYS B 138 5.15 -16.58 -3.95
N PRO B 139 6.05 -15.59 -3.80
CA PRO B 139 5.67 -14.17 -3.87
C PRO B 139 5.04 -13.82 -5.22
N GLN B 140 4.33 -12.71 -5.18
CA GLN B 140 3.62 -12.18 -6.31
C GLN B 140 4.50 -12.22 -7.56
N VAL B 141 4.07 -12.93 -8.58
CA VAL B 141 4.87 -13.12 -9.78
C VAL B 141 5.17 -11.79 -10.43
N ALA B 142 4.18 -10.87 -10.53
CA ALA B 142 4.34 -9.58 -11.17
C ALA B 142 5.14 -8.60 -10.36
N TYR B 143 5.68 -8.98 -9.22
CA TYR B 143 6.75 -8.23 -8.58
C TYR B 143 8.16 -8.58 -9.07
N ASP B 144 8.26 -9.56 -9.94
CA ASP B 144 9.54 -10.03 -10.49
C ASP B 144 9.33 -9.89 -11.98
N PHE B 145 9.84 -8.81 -12.53
CA PHE B 145 9.56 -8.50 -13.90
C PHE B 145 10.05 -9.51 -14.89
N GLU B 146 11.18 -10.13 -14.60
CA GLU B 146 11.63 -11.22 -15.51
C GLU B 146 10.74 -12.44 -15.46
N ALA B 147 10.29 -12.84 -14.25
CA ALA B 147 9.33 -13.89 -14.13
C ALA B 147 8.02 -13.54 -14.84
N MET B 148 7.53 -12.29 -14.66
CA MET B 148 6.33 -11.85 -15.35
CA MET B 148 6.33 -11.86 -15.35
C MET B 148 6.43 -12.06 -16.87
N ARG B 149 7.56 -11.59 -17.43
CA ARG B 149 7.77 -11.74 -18.85
C ARG B 149 7.76 -13.25 -19.29
N THR B 150 8.46 -14.08 -18.52
CA THR B 150 8.42 -15.53 -18.80
C THR B 150 7.06 -16.08 -18.79
N TYR B 151 6.27 -15.74 -17.77
CA TYR B 151 4.91 -16.27 -17.72
C TYR B 151 4.09 -15.83 -18.89
N LEU B 152 4.16 -14.53 -19.29
CA LEU B 152 3.36 -14.01 -20.36
C LEU B 152 3.77 -14.56 -21.72
N GLN B 153 5.10 -14.74 -21.88
CA GLN B 153 5.54 -15.35 -23.13
C GLN B 153 5.02 -16.78 -23.27
N GLN B 154 5.14 -17.55 -22.22
CA GLN B 154 4.74 -19.00 -22.24
CA GLN B 154 4.77 -18.99 -22.28
C GLN B 154 3.25 -19.11 -22.35
N VAL B 155 2.52 -18.27 -21.61
CA VAL B 155 1.09 -18.36 -21.73
C VAL B 155 0.55 -17.86 -23.06
N SER B 156 1.15 -16.77 -23.59
CA SER B 156 0.78 -16.29 -24.88
C SER B 156 0.96 -17.38 -25.99
N LEU B 157 2.13 -18.02 -25.95
CA LEU B 157 2.46 -19.06 -26.96
C LEU B 157 1.49 -20.25 -26.86
N ALA B 158 1.17 -20.64 -25.62
CA ALA B 158 0.33 -21.85 -25.35
C ALA B 158 -1.11 -21.60 -25.61
N TYR B 159 -1.58 -20.37 -25.37
CA TYR B 159 -2.96 -20.07 -25.40
C TYR B 159 -3.38 -19.51 -26.72
N GLY B 160 -2.64 -18.50 -27.20
CA GLY B 160 -2.87 -17.97 -28.54
C GLY B 160 -4.07 -17.18 -28.78
N LEU B 161 -4.79 -16.80 -27.70
CA LEU B 161 -5.97 -16.05 -27.76
C LEU B 161 -5.89 -14.82 -26.81
N PRO B 162 -6.76 -13.88 -27.03
CA PRO B 162 -6.78 -12.68 -26.10
C PRO B 162 -7.01 -13.10 -24.68
N PHE B 163 -6.31 -12.45 -23.78
CA PHE B 163 -6.51 -12.71 -22.36
C PHE B 163 -6.20 -11.41 -21.58
N GLY B 164 -6.40 -11.47 -20.31
CA GLY B 164 -6.06 -10.40 -19.40
C GLY B 164 -5.29 -10.82 -18.23
N VAL B 165 -4.74 -9.91 -17.44
CA VAL B 165 -3.87 -10.19 -16.37
C VAL B 165 -4.36 -9.45 -15.11
N LYS B 166 -4.43 -10.14 -14.00
CA LYS B 166 -4.70 -9.49 -12.68
C LYS B 166 -3.43 -9.09 -12.05
N MET B 167 -3.25 -7.78 -11.91
CA MET B 167 -1.99 -7.18 -11.42
C MET B 167 -2.01 -6.85 -9.98
N PRO B 168 -0.85 -6.92 -9.31
CA PRO B 168 -0.70 -6.42 -7.96
C PRO B 168 -0.62 -4.93 -8.02
N PRO B 169 -0.85 -4.24 -6.91
CA PRO B 169 -0.59 -2.83 -6.87
C PRO B 169 0.90 -2.54 -6.82
N TYR B 170 1.32 -1.49 -7.49
CA TYR B 170 2.64 -0.91 -7.39
C TYR B 170 2.60 0.49 -6.75
N PHE B 171 3.73 0.92 -6.24
CA PHE B 171 3.91 2.06 -5.39
C PHE B 171 4.98 3.00 -5.77
N ASP B 172 5.56 2.76 -6.97
CA ASP B 172 6.81 3.40 -7.39
C ASP B 172 6.68 3.69 -8.89
N ILE B 173 6.95 4.90 -9.33
CA ILE B 173 6.78 5.28 -10.77
C ILE B 173 7.67 4.41 -11.63
N ALA B 174 8.86 4.06 -11.19
CA ALA B 174 9.72 3.21 -12.01
C ALA B 174 9.10 1.85 -12.27
N HIS B 175 8.37 1.33 -11.23
CA HIS B 175 7.68 0.06 -11.35
C HIS B 175 6.50 0.14 -12.27
N PHE B 176 5.71 1.21 -12.21
CA PHE B 176 4.70 1.35 -13.21
C PHE B 176 5.30 1.32 -14.63
N ASP B 177 6.33 2.10 -14.80
CA ASP B 177 6.95 2.19 -16.17
C ASP B 177 7.42 0.81 -16.62
N THR B 178 8.10 0.08 -15.82
CA THR B 178 8.65 -1.26 -16.18
C THR B 178 7.53 -2.24 -16.40
N ALA B 179 6.56 -2.27 -15.45
CA ALA B 179 5.45 -3.23 -15.58
C ALA B 179 4.66 -3.06 -16.82
N ALA B 180 4.30 -1.78 -17.13
CA ALA B 180 3.56 -1.53 -18.32
C ALA B 180 4.36 -1.86 -19.59
N ALA B 181 5.63 -1.57 -19.58
CA ALA B 181 6.45 -1.93 -20.74
C ALA B 181 6.49 -3.42 -20.93
N VAL B 182 6.56 -4.20 -19.87
CA VAL B 182 6.42 -5.69 -20.02
C VAL B 182 5.12 -6.07 -20.65
N LEU B 183 4.02 -5.55 -20.13
CA LEU B 183 2.75 -5.88 -20.69
C LEU B 183 2.59 -5.52 -22.07
N ASN B 184 3.17 -4.36 -22.46
CA ASN B 184 3.05 -3.90 -23.86
C ASN B 184 3.92 -4.76 -24.87
N GLU B 185 4.71 -5.69 -24.40
CA GLU B 185 5.40 -6.61 -25.29
C GLU B 185 4.43 -7.73 -25.73
N PHE B 186 3.26 -7.84 -25.13
CA PHE B 186 2.36 -8.93 -25.46
C PHE B 186 1.02 -8.47 -26.03
N PRO B 187 0.83 -8.57 -27.34
CA PRO B 187 -0.37 -8.11 -27.96
C PRO B 187 -1.66 -8.90 -27.56
N LEU B 188 -1.46 -10.12 -27.13
CA LEU B 188 -2.65 -10.95 -26.74
C LEU B 188 -3.17 -10.47 -25.33
N VAL B 189 -2.39 -9.69 -24.58
CA VAL B 189 -2.88 -9.13 -23.30
C VAL B 189 -3.73 -7.99 -23.67
N LYS B 190 -5.04 -8.18 -23.65
CA LYS B 190 -6.01 -7.20 -24.09
CA LYS B 190 -6.01 -7.21 -24.09
C LYS B 190 -6.62 -6.37 -22.94
N PHE B 191 -6.51 -6.90 -21.72
CA PHE B 191 -7.03 -6.13 -20.56
C PHE B 191 -6.06 -6.41 -19.41
N VAL B 192 -6.01 -5.42 -18.50
CA VAL B 192 -5.20 -5.43 -17.28
C VAL B 192 -6.18 -5.09 -16.13
N THR B 193 -6.25 -5.93 -15.14
CA THR B 193 -7.12 -5.69 -13.99
C THR B 193 -6.21 -5.23 -12.85
N CYS B 194 -6.46 -3.98 -12.43
CA CYS B 194 -5.73 -3.23 -11.40
C CYS B 194 -6.76 -2.92 -10.32
N VAL B 195 -6.65 -3.50 -9.12
CA VAL B 195 -5.61 -4.27 -8.52
C VAL B 195 -6.12 -5.45 -7.72
N ASN B 196 -5.23 -6.42 -7.53
CA ASN B 196 -5.33 -7.41 -6.45
C ASN B 196 -5.12 -6.70 -5.09
N SER B 197 -5.33 -7.48 -4.04
CA SER B 197 -5.15 -6.99 -2.66
CA SER B 197 -5.23 -6.91 -2.70
C SER B 197 -3.81 -6.37 -2.42
N VAL B 198 -3.79 -5.40 -1.53
CA VAL B 198 -2.51 -4.79 -1.10
C VAL B 198 -1.83 -5.76 -0.15
N GLY B 199 -0.78 -6.38 -0.59
CA GLY B 199 -0.26 -7.54 0.07
C GLY B 199 0.31 -7.37 1.44
N ASN B 200 0.13 -8.40 2.27
CA ASN B 200 0.86 -8.50 3.53
C ASN B 200 0.70 -7.31 4.45
N GLY B 201 -0.53 -6.88 4.61
CA GLY B 201 -0.92 -6.07 5.73
C GLY B 201 -1.10 -6.89 7.00
N LEU B 202 -1.30 -6.20 8.11
CA LEU B 202 -1.47 -6.90 9.40
C LEU B 202 -2.47 -6.15 10.21
N VAL B 203 -3.62 -6.78 10.52
CA VAL B 203 -4.62 -6.22 11.41
C VAL B 203 -4.43 -6.83 12.75
N ILE B 204 -4.45 -6.01 13.80
CA ILE B 204 -4.34 -6.44 15.21
C ILE B 204 -5.55 -5.92 15.97
N ASP B 205 -6.15 -6.83 16.76
CA ASP B 205 -7.27 -6.48 17.63
C ASP B 205 -6.70 -6.00 18.99
N ALA B 206 -7.04 -4.76 19.33
CA ALA B 206 -6.49 -4.21 20.58
C ALA B 206 -6.95 -4.90 21.85
N GLU B 207 -8.19 -5.35 21.90
CA GLU B 207 -8.68 -5.99 23.13
CA GLU B 207 -8.70 -5.98 23.12
C GLU B 207 -7.98 -7.31 23.39
N SER B 208 -7.92 -8.17 22.39
CA SER B 208 -7.33 -9.47 22.52
C SER B 208 -5.82 -9.52 22.36
N GLU B 209 -5.29 -8.43 21.81
CA GLU B 209 -3.88 -8.27 21.51
C GLU B 209 -3.35 -9.23 20.49
N SER B 210 -4.22 -9.64 19.59
CA SER B 210 -4.02 -10.75 18.66
CA SER B 210 -3.97 -10.73 18.66
C SER B 210 -4.25 -10.27 17.22
N VAL B 211 -3.53 -10.92 16.35
CA VAL B 211 -3.87 -10.89 14.91
C VAL B 211 -5.24 -11.55 14.74
N VAL B 212 -5.89 -11.31 13.60
CA VAL B 212 -7.30 -11.69 13.40
C VAL B 212 -7.44 -12.80 12.36
N ILE B 213 -6.41 -13.16 11.62
CA ILE B 213 -6.45 -14.29 10.72
C ILE B 213 -5.28 -15.23 11.12
N LYS B 214 -5.51 -16.54 10.86
CA LYS B 214 -4.63 -17.57 11.33
C LYS B 214 -3.38 -17.80 10.48
N PRO B 215 -3.41 -17.91 9.16
CA PRO B 215 -2.23 -18.18 8.40
C PRO B 215 -1.15 -17.11 8.50
N LYS B 216 0.10 -17.40 8.16
CA LYS B 216 1.12 -16.40 7.92
CA LYS B 216 1.14 -16.42 7.93
CA LYS B 216 1.13 -16.43 7.94
C LYS B 216 1.28 -15.41 9.09
N GLN B 217 1.11 -15.86 10.32
CA GLN B 217 1.27 -15.02 11.51
C GLN B 217 0.41 -13.75 11.47
N GLY B 218 -0.73 -13.88 10.78
CA GLY B 218 -1.69 -12.78 10.71
C GLY B 218 -1.60 -11.92 9.50
N PHE B 219 -0.58 -12.05 8.71
CA PHE B 219 -0.36 -11.20 7.54
C PHE B 219 -1.36 -11.57 6.44
N GLY B 220 -1.91 -10.67 5.69
CA GLY B 220 -2.84 -10.99 4.63
C GLY B 220 -3.02 -9.79 3.72
N GLY B 221 -3.70 -10.02 2.60
CA GLY B 221 -3.93 -8.95 1.67
C GLY B 221 -5.09 -8.09 2.08
N LEU B 222 -4.95 -6.78 1.84
CA LEU B 222 -5.95 -5.76 2.23
C LEU B 222 -6.83 -5.42 1.05
N GLY B 223 -8.11 -5.25 1.35
CA GLY B 223 -9.10 -4.75 0.39
C GLY B 223 -9.98 -3.70 1.04
N GLY B 224 -10.83 -3.10 0.24
CA GLY B 224 -11.79 -2.19 0.75
C GLY B 224 -11.37 -0.73 0.84
N LYS B 225 -11.91 0.00 1.79
CA LYS B 225 -11.70 1.41 1.87
C LYS B 225 -10.22 1.79 1.97
N TYR B 226 -9.42 0.93 2.63
CA TYR B 226 -8.01 1.15 2.81
C TYR B 226 -7.32 1.46 1.44
N ILE B 227 -7.78 0.79 0.38
CA ILE B 227 -6.98 0.67 -0.84
C ILE B 227 -7.52 1.48 -2.00
N LEU B 228 -8.59 2.27 -1.85
CA LEU B 228 -9.13 2.96 -3.04
C LEU B 228 -8.11 3.91 -3.71
N PRO B 229 -7.40 4.79 -2.97
CA PRO B 229 -6.46 5.62 -3.69
C PRO B 229 -5.33 4.88 -4.39
N THR B 230 -4.90 3.75 -3.79
CA THR B 230 -3.90 2.86 -4.42
C THR B 230 -4.47 2.27 -5.71
N ALA B 231 -5.70 1.79 -5.62
CA ALA B 231 -6.34 1.22 -6.82
C ALA B 231 -6.52 2.25 -7.92
N LEU B 232 -6.98 3.45 -7.59
CA LEU B 232 -7.16 4.48 -8.60
C LEU B 232 -5.81 4.83 -9.23
N ALA B 233 -4.76 4.89 -8.46
CA ALA B 233 -3.45 5.20 -9.02
C ALA B 233 -3.05 4.17 -10.00
N ASN B 234 -3.20 2.88 -9.65
CA ASN B 234 -2.78 1.83 -10.58
C ASN B 234 -3.64 1.80 -11.82
N VAL B 235 -4.93 1.98 -11.65
CA VAL B 235 -5.81 2.02 -12.82
C VAL B 235 -5.28 3.12 -13.73
N ASN B 236 -5.10 4.36 -13.24
CA ASN B 236 -4.71 5.44 -14.12
C ASN B 236 -3.34 5.22 -14.68
N ALA B 237 -2.39 4.72 -13.87
CA ALA B 237 -1.01 4.53 -14.34
C ALA B 237 -1.04 3.60 -15.54
N PHE B 238 -1.74 2.51 -15.49
CA PHE B 238 -1.77 1.58 -16.62
C PHE B 238 -2.63 2.10 -17.75
N TYR B 239 -3.69 2.82 -17.44
CA TYR B 239 -4.50 3.44 -18.49
C TYR B 239 -3.61 4.38 -19.28
N ARG B 240 -2.78 5.14 -18.64
CA ARG B 240 -1.91 6.05 -19.37
C ARG B 240 -0.80 5.33 -20.13
N ARG B 241 -0.22 4.27 -19.57
CA ARG B 241 0.93 3.61 -20.14
C ARG B 241 0.56 2.53 -21.16
N CYS B 242 -0.68 2.05 -21.17
CA CYS B 242 -1.09 0.98 -22.09
C CYS B 242 -2.26 1.48 -22.92
N PRO B 243 -2.02 2.42 -23.85
CA PRO B 243 -3.10 2.97 -24.66
C PRO B 243 -3.78 1.97 -25.60
N ASP B 244 -3.17 0.88 -25.89
CA ASP B 244 -3.80 -0.17 -26.73
C ASP B 244 -4.45 -1.27 -26.02
N LYS B 245 -4.55 -1.18 -24.68
CA LYS B 245 -5.24 -2.19 -23.88
C LYS B 245 -6.35 -1.55 -23.10
N LEU B 246 -7.25 -2.39 -22.59
CA LEU B 246 -8.27 -2.02 -21.63
C LEU B 246 -7.73 -2.22 -20.23
N VAL B 247 -8.25 -1.34 -19.30
CA VAL B 247 -7.92 -1.48 -17.88
C VAL B 247 -9.22 -1.74 -17.16
N PHE B 248 -9.25 -2.79 -16.31
CA PHE B 248 -10.41 -3.06 -15.45
C PHE B 248 -10.01 -2.64 -14.06
N GLY B 249 -10.88 -1.87 -13.42
CA GLY B 249 -10.60 -1.41 -12.05
C GLY B 249 -11.11 -2.33 -11.00
N CYS B 250 -10.32 -2.46 -9.94
CA CYS B 250 -10.71 -3.32 -8.77
C CYS B 250 -10.04 -2.68 -7.60
N GLY B 251 -10.79 -2.40 -6.55
CA GLY B 251 -10.23 -1.99 -5.26
C GLY B 251 -11.00 -0.85 -4.67
N GLY B 252 -11.58 -1.07 -3.50
CA GLY B 252 -12.23 -0.01 -2.81
C GLY B 252 -13.59 0.43 -3.27
N VAL B 253 -14.24 -0.33 -4.15
CA VAL B 253 -15.54 0.11 -4.63
C VAL B 253 -16.67 -0.29 -3.66
N TYR B 254 -17.35 0.71 -3.07
CA TYR B 254 -18.53 0.53 -2.26
C TYR B 254 -19.71 1.28 -2.83
N SER B 255 -19.55 2.19 -3.73
CA SER B 255 -20.63 3.05 -4.14
C SER B 255 -20.48 3.34 -5.61
N GLY B 256 -21.56 3.85 -6.21
CA GLY B 256 -21.49 4.42 -7.54
C GLY B 256 -20.50 5.53 -7.66
N GLU B 257 -20.29 6.33 -6.66
CA GLU B 257 -19.28 7.35 -6.74
C GLU B 257 -17.90 6.78 -6.86
N ASP B 258 -17.60 5.72 -6.08
CA ASP B 258 -16.29 5.05 -6.16
C ASP B 258 -16.11 4.48 -7.55
N ALA B 259 -17.16 3.89 -8.13
CA ALA B 259 -17.07 3.39 -9.49
C ALA B 259 -16.85 4.50 -10.48
N PHE B 260 -17.51 5.60 -10.29
CA PHE B 260 -17.25 6.79 -11.12
C PHE B 260 -15.86 7.21 -11.10
N LEU B 261 -15.22 7.22 -9.89
CA LEU B 261 -13.79 7.56 -9.84
C LEU B 261 -12.93 6.56 -10.62
N HIS B 262 -13.19 5.26 -10.45
CA HIS B 262 -12.45 4.28 -11.23
C HIS B 262 -12.53 4.51 -12.75
N ILE B 263 -13.77 4.84 -13.19
CA ILE B 263 -14.03 5.06 -14.61
C ILE B 263 -13.32 6.34 -15.06
N LEU B 264 -13.37 7.44 -14.29
CA LEU B 264 -12.60 8.63 -14.64
C LEU B 264 -11.14 8.34 -14.76
N ALA B 265 -10.60 7.45 -13.88
CA ALA B 265 -9.22 7.04 -13.93
C ALA B 265 -8.83 6.18 -15.11
N GLY B 266 -9.83 5.57 -15.77
CA GLY B 266 -9.64 4.77 -16.97
C GLY B 266 -10.27 3.45 -16.99
N ALA B 267 -10.99 3.03 -15.95
CA ALA B 267 -11.59 1.72 -15.95
C ALA B 267 -12.68 1.51 -16.99
N SER B 268 -12.66 0.30 -17.56
CA SER B 268 -13.73 -0.20 -18.44
C SER B 268 -14.70 -1.00 -17.50
N MET B 269 -14.38 -2.23 -17.19
CA MET B 269 -15.14 -2.95 -16.15
C MET B 269 -14.63 -2.46 -14.76
N VAL B 270 -15.52 -2.58 -13.79
CA VAL B 270 -15.31 -2.28 -12.39
C VAL B 270 -15.66 -3.45 -11.57
N GLN B 271 -14.69 -3.99 -10.85
CA GLN B 271 -14.87 -5.20 -10.04
C GLN B 271 -15.05 -4.81 -8.57
N VAL B 272 -15.81 -5.63 -7.89
CA VAL B 272 -16.24 -5.39 -6.48
C VAL B 272 -15.92 -6.62 -5.63
N GLY B 273 -14.99 -6.47 -4.69
CA GLY B 273 -14.58 -7.55 -3.84
C GLY B 273 -15.20 -7.46 -2.44
N THR B 274 -14.44 -6.81 -1.52
CA THR B 274 -14.85 -6.65 -0.13
C THR B 274 -16.26 -6.19 0.03
N ALA B 275 -16.69 -5.14 -0.70
CA ALA B 275 -18.04 -4.64 -0.50
C ALA B 275 -19.07 -5.65 -0.87
N LEU B 276 -18.81 -6.47 -1.91
CA LEU B 276 -19.74 -7.55 -2.29
C LEU B 276 -19.71 -8.72 -1.31
N GLN B 277 -18.54 -9.02 -0.78
CA GLN B 277 -18.48 -10.01 0.26
C GLN B 277 -19.31 -9.62 1.47
N GLU B 278 -19.31 -8.34 1.80
CA GLU B 278 -20.03 -7.83 2.98
C GLU B 278 -21.46 -7.59 2.75
N GLU B 279 -21.86 -7.06 1.61
CA GLU B 279 -23.24 -6.72 1.36
C GLU B 279 -24.08 -7.76 0.58
N GLY B 280 -23.41 -8.60 -0.18
CA GLY B 280 -24.10 -9.49 -1.05
C GLY B 280 -24.45 -8.92 -2.37
N PRO B 281 -25.05 -9.77 -3.22
CA PRO B 281 -25.19 -9.45 -4.63
C PRO B 281 -26.23 -8.37 -4.93
N GLY B 282 -27.05 -7.99 -3.94
CA GLY B 282 -27.90 -6.86 -4.07
C GLY B 282 -27.11 -5.57 -4.31
N ILE B 283 -25.81 -5.58 -3.94
CA ILE B 283 -25.00 -4.37 -4.17
C ILE B 283 -25.06 -3.94 -5.63
N PHE B 284 -25.20 -4.87 -6.58
CA PHE B 284 -25.10 -4.41 -7.96
C PHE B 284 -26.23 -3.55 -8.41
N THR B 285 -27.44 -3.69 -7.87
CA THR B 285 -28.52 -2.79 -8.29
C THR B 285 -28.25 -1.41 -7.70
N ARG B 286 -27.72 -1.36 -6.47
CA ARG B 286 -27.39 -0.11 -5.85
C ARG B 286 -26.31 0.65 -6.56
N LEU B 287 -25.26 -0.06 -6.94
CA LEU B 287 -24.14 0.55 -7.67
C LEU B 287 -24.64 1.13 -8.98
N GLU B 288 -25.47 0.41 -9.69
CA GLU B 288 -26.03 0.87 -10.97
C GLU B 288 -26.87 2.14 -10.76
N ASP B 289 -27.73 2.11 -9.75
CA ASP B 289 -28.60 3.29 -9.52
C ASP B 289 -27.74 4.43 -9.13
N GLU B 290 -26.71 4.26 -8.30
CA GLU B 290 -25.89 5.39 -7.85
C GLU B 290 -25.01 5.95 -8.95
N LEU B 291 -24.51 5.09 -9.81
CA LEU B 291 -23.67 5.60 -10.91
C LEU B 291 -24.57 6.41 -11.92
N LEU B 292 -25.75 5.84 -12.18
CA LEU B 292 -26.68 6.58 -13.12
C LEU B 292 -27.09 7.88 -12.50
N GLU B 293 -27.22 7.98 -11.19
CA GLU B 293 -27.60 9.28 -10.50
C GLU B 293 -26.48 10.31 -10.75
N ILE B 294 -25.21 9.93 -10.56
CA ILE B 294 -24.12 10.81 -10.77
C ILE B 294 -24.05 11.23 -12.23
N MET B 295 -24.17 10.31 -13.17
CA MET B 295 -24.18 10.61 -14.58
C MET B 295 -25.29 11.61 -14.86
N ALA B 296 -26.48 11.38 -14.35
CA ALA B 296 -27.64 12.33 -14.66
C ALA B 296 -27.31 13.71 -14.14
N ARG B 297 -26.76 13.87 -12.97
CA ARG B 297 -26.46 15.16 -12.40
C ARG B 297 -25.41 15.87 -13.27
N LYS B 298 -24.49 15.17 -13.88
CA LYS B 298 -23.42 15.74 -14.66
C LYS B 298 -23.74 15.88 -16.14
N GLY B 299 -24.88 15.34 -16.52
CA GLY B 299 -25.24 15.37 -17.95
C GLY B 299 -24.59 14.33 -18.79
N TYR B 300 -23.95 13.32 -18.21
CA TYR B 300 -23.31 12.26 -18.96
C TYR B 300 -24.26 11.15 -19.44
N ARG B 301 -24.23 10.81 -20.72
CA ARG B 301 -25.16 9.84 -21.25
C ARG B 301 -24.54 8.44 -21.40
N THR B 302 -23.22 8.34 -21.54
CA THR B 302 -22.57 7.09 -21.68
C THR B 302 -21.26 7.05 -20.90
N LEU B 303 -20.72 5.85 -20.66
CA LEU B 303 -19.47 5.72 -19.90
C LEU B 303 -18.31 6.29 -20.64
N GLU B 304 -18.30 6.20 -21.95
CA GLU B 304 -17.17 6.67 -22.72
C GLU B 304 -17.11 8.19 -22.74
N GLU B 305 -18.15 8.87 -22.33
CA GLU B 305 -18.05 10.32 -22.24
C GLU B 305 -17.10 10.78 -21.15
N PHE B 306 -16.87 9.95 -20.15
CA PHE B 306 -16.00 10.38 -19.08
C PHE B 306 -14.88 9.37 -18.76
N ARG B 307 -14.84 8.17 -19.35
CA ARG B 307 -13.80 7.24 -19.05
C ARG B 307 -12.44 7.79 -19.36
N GLY B 308 -11.52 7.77 -18.40
CA GLY B 308 -10.18 8.24 -18.55
C GLY B 308 -10.05 9.77 -18.52
N ARG B 309 -11.10 10.48 -18.25
CA ARG B 309 -11.10 11.93 -18.38
C ARG B 309 -10.82 12.64 -17.10
N VAL B 310 -10.22 11.95 -16.08
CA VAL B 310 -9.74 12.64 -14.88
C VAL B 310 -8.91 13.87 -15.32
N LYS B 311 -9.11 14.98 -14.61
CA LYS B 311 -8.41 16.21 -14.87
C LYS B 311 -7.21 16.32 -14.01
N THR B 312 -6.08 16.78 -14.53
CA THR B 312 -4.90 17.14 -13.72
C THR B 312 -4.87 18.66 -13.59
N ILE B 313 -4.11 19.15 -12.58
CA ILE B 313 -4.00 20.57 -12.28
C ILE B 313 -2.80 21.16 -13.05
N GLU B 314 -3.13 22.14 -13.91
CA GLU B 314 -2.20 23.04 -14.59
C GLU B 314 -1.29 22.38 -15.61
C4 5LL C . 7.77 13.39 0.71
C5 5LL C . 9.01 12.87 1.02
C6 5LL C . 8.95 11.72 1.93
N1 5LL C . 7.78 11.26 2.31
N3 5LL C . 6.65 12.98 1.31
CAA 5LL C . 12.99 16.78 0.25
CAB 5LL C . 14.23 17.18 0.76
CAC 5LL C . 14.73 16.08 1.39
OAD 5LL C . 13.82 15.00 1.35
CAE 5LL C . 12.81 15.52 0.77
CAF 5LL C . 11.69 14.79 0.41
CAG 5LL C . 11.43 13.59 0.84
CAH 5LL C . 10.19 13.26 0.17
O4 5LL C . 7.69 14.41 -0.13
C2 5LL C . 6.65 11.87 2.05
O2 5LL C . 5.53 11.43 2.31
O6 5LL C . 10.01 11.16 2.30
C1 GOL D . 4.53 -13.79 7.25
O1 GOL D . 4.71 -15.13 6.69
C2 GOL D . 5.84 -13.31 7.91
O2 GOL D . 6.93 -13.59 7.03
C3 GOL D . 6.04 -11.78 8.13
O3 GOL D . 6.87 -11.62 9.30
C1 GOL E . 0.86 21.49 3.88
O1 GOL E . -0.28 22.26 4.31
C2 GOL E . 2.03 21.97 4.71
O2 GOL E . 2.91 22.61 3.79
C3 GOL E . 2.76 20.82 5.35
O3 GOL E . 4.11 21.15 5.72
C1 GOL F . 18.59 -12.28 0.15
O1 GOL F . 17.53 -11.94 -0.71
C2 GOL F . 18.16 -13.54 0.90
O2 GOL F . 19.19 -13.71 1.92
C3 GOL F . 16.78 -13.23 1.59
O3 GOL F . 16.27 -14.43 2.24
C1 GOL G . 10.20 8.44 -13.20
O1 GOL G . 9.48 9.68 -13.21
C2 GOL G . 11.11 8.22 -12.01
O2 GOL G . 10.64 8.16 -10.63
C3 GOL G . 11.98 7.02 -11.87
O3 GOL G . 12.22 6.00 -12.66
C1 GOL H . -10.40 11.05 -0.37
O1 GOL H . -10.58 10.40 0.92
C2 GOL H . -11.73 11.70 -0.76
O2 GOL H . -12.69 10.74 -0.68
C3 GOL H . -11.85 12.36 -2.14
O3 GOL H . -12.86 13.38 -2.10
C1 GOL I . 14.26 14.42 28.43
O1 GOL I . 13.50 13.20 28.43
C2 GOL I . 15.77 14.12 28.37
O2 GOL I . 16.24 13.46 27.08
C3 GOL I . 16.41 15.50 28.61
O3 GOL I . 17.87 15.46 28.61
N1 FMN J . 8.86 11.43 5.58
C2 FMN J . 10.20 11.69 5.64
O2 FMN J . 10.94 10.75 6.01
N3 FMN J . 10.69 12.92 5.35
C4 FMN J . 9.96 13.97 4.96
O4 FMN J . 10.49 15.09 4.78
C4A FMN J . 8.58 13.75 4.87
N5 FMN J . 7.78 14.78 4.54
C5A FMN J . 6.40 14.61 4.72
C6 FMN J . 5.53 15.67 4.54
C7 FMN J . 4.17 15.58 4.77
C7M FMN J . 3.28 16.77 4.59
C8 FMN J . 3.61 14.32 5.14
C8M FMN J . 2.13 14.10 5.32
C9 FMN J . 4.48 13.26 5.27
C9A FMN J . 5.86 13.33 5.08
N10 FMN J . 6.73 12.26 5.26
C10 FMN J . 8.08 12.45 5.22
C1' FMN J . 6.17 10.97 5.64
C2' FMN J . 5.79 10.87 7.09
O2' FMN J . 7.00 11.00 7.89
C3' FMN J . 5.16 9.55 7.49
O3' FMN J . 6.11 8.52 7.18
C4' FMN J . 3.85 9.32 6.72
O4' FMN J . 3.11 10.49 6.64
C5' FMN J . 3.02 8.22 7.30
O5' FMN J . 2.68 8.47 8.67
P FMN J . 1.12 8.97 8.96
O1P FMN J . 0.19 7.86 8.59
O2P FMN J . 0.93 10.22 8.12
O3P FMN J . 1.16 9.29 10.45
CO NCO K . -2.88 -9.48 32.18
N1 NCO K . -2.17 -7.93 31.09
N2 NCO K . -3.60 -11.06 33.28
N3 NCO K . -1.01 -10.09 32.58
N4 NCO K . -2.87 -10.63 30.55
N5 NCO K . -4.72 -8.88 31.80
N6 NCO K . -2.93 -8.30 33.83
C1 EDO L . -11.05 5.11 12.49
O1 EDO L . -11.49 6.28 13.20
C2 EDO L . -11.72 4.82 11.13
O2 EDO L . -12.44 5.92 10.42
C1 EDO M . -8.99 16.40 19.96
O1 EDO M . -9.06 15.32 19.04
C2 EDO M . -10.23 16.45 20.89
O2 EDO M . -10.55 15.15 21.43
C1 EDO N . -5.86 13.97 14.40
O1 EDO N . -6.49 12.98 15.10
C2 EDO N . -6.31 14.36 13.01
O2 EDO N . -7.72 14.35 12.76
C1 EDO O . -9.66 -1.33 23.47
O1 EDO O . -10.35 -1.64 22.24
C2 EDO O . -8.68 -2.44 23.83
O2 EDO O . -9.03 -2.99 25.07
C1 EDO P . 33.37 13.39 9.87
C1 EDO P . 33.22 13.12 9.65
O1 EDO P . 34.39 13.49 10.93
O1 EDO P . 33.54 13.66 10.94
C2 EDO P . 32.98 11.93 9.59
C2 EDO P . 33.67 11.62 9.61
O2 EDO P . 33.86 11.24 8.66
O2 EDO P . 32.93 10.80 10.59
C1 EDO Q . -7.92 20.38 -12.58
O1 EDO Q . -9.18 20.75 -12.09
C2 EDO Q . -7.79 21.41 -13.69
O2 EDO Q . -7.84 20.89 -14.99
C1 EDO R . -10.21 8.50 -3.96
O1 EDO R . -10.39 9.65 -4.53
C2 EDO R . -10.78 8.73 -2.60
O2 EDO R . -12.14 8.63 -2.25
C1 EDO S . 11.43 29.44 7.62
O1 EDO S . 12.50 30.18 7.64
C2 EDO S . 10.69 29.76 6.38
O2 EDO S . 10.57 28.76 5.52
C1 EDO T . 3.93 -14.00 18.11
O1 EDO T . 5.07 -14.80 17.58
C2 EDO T . 4.28 -12.47 18.03
O2 EDO T . 4.83 -11.56 19.01
C1 EDO U . 10.17 15.91 26.78
O1 EDO U . 10.89 15.24 27.74
C2 EDO U . 8.89 15.26 26.59
O2 EDO U . 7.83 16.19 26.72
C1 EDO V . 12.06 31.06 16.44
O1 EDO V . 12.35 32.06 17.59
C2 EDO V . 10.50 30.75 16.48
O2 EDO V . 9.51 31.38 15.71
AS CAC W . 4.81 24.12 8.15
O1 CAC W . 3.89 24.90 6.77
O2 CAC W . 3.88 23.85 9.84
C1 CAC W . 5.02 22.28 7.94
C2 CAC W . 6.44 24.96 8.24
AS CAC X . -10.44 22.16 17.89
O1 CAC X . -10.99 21.48 19.46
O2 CAC X . -8.57 22.55 17.70
C1 CAC X . -11.36 21.01 16.53
C2 CAC X . -10.85 24.00 17.77
C4 5LL Y . -5.58 -14.57 -2.20
C5 5LL Y . -5.21 -14.73 -3.53
C6 5LL Y . -5.31 -13.57 -4.39
N1 5LL Y . -5.77 -12.41 -3.82
N3 5LL Y . -6.20 -13.45 -1.86
CAA 5LL Y . -6.08 -20.14 -5.18
CAB 5LL Y . -6.07 -20.94 -6.27
CAC 5LL Y . -5.35 -20.30 -7.27
OAD 5LL Y . -4.90 -19.07 -6.81
CAE 5LL Y . -5.39 -19.02 -5.58
CAF 5LL Y . -5.20 -17.98 -4.61
CAG 5LL Y . -4.66 -16.85 -4.95
CAH 5LL Y . -4.42 -15.95 -3.82
O4 5LL Y . -5.48 -15.45 -1.26
C2 5LL Y . -6.18 -12.35 -2.62
O2 5LL Y . -6.58 -11.32 -2.04
O6 5LL Y . -5.01 -13.54 -5.63
C1 GOL Z . 1.72 8.82 -13.33
O1 GOL Z . 1.39 8.07 -14.55
C2 GOL Z . 3.02 9.60 -13.38
O2 GOL Z . 4.10 8.73 -13.68
C3 GOL Z . 3.24 10.32 -12.07
O3 GOL Z . 4.42 11.09 -12.26
C1 GOL AA . -15.09 -16.16 1.35
O1 GOL AA . -15.02 -17.13 0.26
C2 GOL AA . -15.34 -16.74 2.72
O2 GOL AA . -14.54 -17.88 2.93
C3 GOL AA . -14.85 -15.72 3.71
O3 GOL AA . -15.41 -15.93 5.02
C1 GOL BA . 12.27 -0.83 -18.22
O1 GOL BA . 12.57 -0.87 -16.88
C2 GOL BA . 12.21 0.63 -18.65
O2 GOL BA . 11.88 0.50 -20.03
C3 GOL BA . 11.05 1.38 -17.97
O3 GOL BA . 10.99 2.74 -18.33
C1 GOL CA . 6.42 -4.03 -5.21
O1 GOL CA . 7.70 -4.27 -5.83
C2 GOL CA . 6.14 -2.80 -4.33
O2 GOL CA . 6.99 -2.64 -3.12
C3 GOL CA . 6.47 -1.40 -4.87
O3 GOL CA . 5.96 -1.04 -6.13
C1 GOL DA . -17.69 0.75 -25.94
O1 GOL DA . -18.31 0.25 -24.78
C2 GOL DA . -16.25 1.25 -25.70
O2 GOL DA . -16.19 2.49 -24.93
C3 GOL DA . -15.52 0.14 -24.97
O3 GOL DA . -14.07 0.42 -25.04
C1 GOL EA . -29.97 -11.53 -6.76
C1 GOL EA . -29.55 -11.76 -7.01
O1 GOL EA . -29.25 -10.40 -6.27
O1 GOL EA . -29.27 -10.53 -6.30
C2 GOL EA . -29.13 -12.77 -6.48
C2 GOL EA . -29.55 -13.05 -6.17
O2 GOL EA . -28.08 -12.78 -7.41
O2 GOL EA . -30.82 -13.07 -5.56
C3 GOL EA . -29.84 -14.15 -6.63
C3 GOL EA . -29.30 -14.35 -6.94
O3 GOL EA . -29.21 -15.28 -5.99
O3 GOL EA . -29.19 -15.36 -5.97
N1 FMN FA . -8.05 -12.08 -6.35
C2 FMN FA . -7.81 -12.97 -7.36
O2 FMN FA . -7.36 -12.57 -8.45
N3 FMN FA . -8.14 -14.28 -7.22
C4 FMN FA . -8.61 -14.78 -6.11
O4 FMN FA . -8.96 -16.01 -6.05
C4A FMN FA . -8.88 -13.95 -5.03
N5 FMN FA . -9.45 -14.41 -3.89
C5A FMN FA . -9.94 -13.46 -3.00
C6 FMN FA . -10.67 -13.87 -1.92
C7 FMN FA . -11.16 -12.98 -0.98
C7M FMN FA . -12.02 -13.47 0.19
C8 FMN FA . -10.91 -11.58 -1.16
C8M FMN FA . -11.42 -10.50 -0.19
C9 FMN FA . -10.18 -11.13 -2.27
C9A FMN FA . -9.68 -12.06 -3.17
N10 FMN FA . -8.95 -11.62 -4.29
C10 FMN FA . -8.60 -12.54 -5.26
C1' FMN FA . -8.69 -10.23 -4.53
C2' FMN FA . -9.86 -9.50 -5.05
O2' FMN FA . -10.17 -9.98 -6.36
C3' FMN FA . -9.63 -8.00 -5.14
O3' FMN FA . -8.55 -7.80 -6.09
C4' FMN FA . -9.30 -7.33 -3.79
O4' FMN FA . -10.13 -7.89 -2.77
C5' FMN FA . -9.40 -5.79 -3.89
O5' FMN FA . -10.74 -5.39 -4.20
P FMN FA . -11.72 -4.83 -3.04
O1P FMN FA . -11.09 -3.59 -2.46
O2P FMN FA . -11.82 -5.96 -2.00
O3P FMN FA . -13.03 -4.62 -3.74
CO NCO GA . -22.72 -12.06 4.23
N1 NCO GA . -22.94 -10.85 2.60
N2 NCO GA . -22.49 -13.26 5.88
N3 NCO GA . -21.07 -12.99 3.25
N4 NCO GA . -24.00 -13.48 3.51
N5 NCO GA . -24.39 -11.10 5.21
N6 NCO GA . -21.39 -10.64 5.01
CO NCO HA . -12.84 -12.31 19.42
CO NCO HA . -13.59 -9.08 19.52
N1 NCO HA . -14.56 -13.27 19.15
N1 NCO HA . -15.38 -8.20 19.44
N2 NCO HA . -11.11 -11.37 19.72
N2 NCO HA . -11.77 -9.96 19.71
N3 NCO HA . -13.19 -10.80 18.21
N3 NCO HA . -13.08 -8.38 17.73
N4 NCO HA . -12.01 -13.30 17.90
N4 NCO HA . -14.47 -10.75 18.88
N5 NCO HA . -12.42 -13.82 20.66
N5 NCO HA . -14.13 -9.82 21.36
N6 NCO HA . -13.62 -11.32 20.97
N6 NCO HA . -12.73 -7.39 20.23
C1 EDO IA . -20.66 14.25 -5.89
O1 EDO IA . -19.64 14.43 -4.89
C2 EDO IA . -20.16 14.30 -7.35
O2 EDO IA . -20.86 15.31 -8.06
C1 EDO JA . -14.76 5.69 5.19
O1 EDO JA . -15.66 5.23 6.19
C2 EDO JA . -15.31 6.48 3.99
O2 EDO JA . -16.34 5.82 3.25
C1 EDO KA . -5.53 14.26 -17.29
O1 EDO KA . -4.18 14.36 -17.75
C2 EDO KA . -5.99 12.74 -17.41
O2 EDO KA . -7.08 12.10 -18.10
C1 EDO LA . -12.67 -30.11 -10.54
O1 EDO LA . -11.39 -29.64 -10.43
C2 EDO LA . -13.20 -31.54 -10.66
O2 EDO LA . -14.51 -31.44 -11.24
C1 EDO MA . -4.56 -10.36 26.09
O1 EDO MA . -4.05 -10.52 27.42
C2 EDO MA . -5.65 -9.27 26.09
O2 EDO MA . -7.02 -9.64 26.34
C1 EDO NA . -20.91 -3.04 0.95
O1 EDO NA . -21.19 -1.73 0.86
C2 EDO NA . -20.06 -3.46 2.15
O2 EDO NA . -20.38 -2.88 3.44
C1 EDO OA . -19.37 1.06 3.48
O1 EDO OA . -19.71 2.17 2.69
C2 EDO OA . -19.65 1.24 4.93
O2 EDO OA . -20.09 -0.06 5.29
C1 EDO PA . -0.52 -12.58 -31.69
O1 EDO PA . 0.52 -12.69 -30.80
C2 EDO PA . -0.74 -11.16 -32.14
O2 EDO PA . -1.95 -10.69 -31.56
C1 EDO QA . -26.63 -8.93 -22.77
O1 EDO QA . -27.14 -7.83 -22.03
C2 EDO QA . -25.82 -9.75 -21.82
O2 EDO QA . -24.59 -9.06 -21.58
C1 EDO RA . -25.03 -19.89 -14.97
O1 EDO RA . -24.65 -20.31 -13.52
C2 EDO RA . -26.35 -20.24 -15.45
O2 EDO RA . -27.54 -19.60 -14.78
C1 EDO SA . -11.12 -33.27 -10.79
O1 EDO SA . -11.98 -33.71 -11.93
C2 EDO SA . -11.37 -34.00 -9.47
O2 EDO SA . -10.06 -34.14 -8.89
C1 EDO TA . -9.88 -3.02 12.94
O1 EDO TA . -9.67 -1.73 13.42
C2 EDO TA . -9.32 -3.94 13.96
O2 EDO TA . -10.10 -3.92 15.19
C1 PEG UA . -23.98 -13.05 -0.04
O1 PEG UA . -24.06 -13.82 -1.21
C2 PEG UA . -24.89 -12.26 0.81
O2 PEG UA . -26.23 -11.75 0.96
C3 PEG UA . -27.13 -10.91 0.46
C4 PEG UA . -27.52 -10.09 -0.89
O4 PEG UA . -27.33 -8.57 -1.05
#